data_4KWT
#
_entry.id   4KWT
#
_cell.length_a   77.810
_cell.length_b   82.650
_cell.length_c   150.908
_cell.angle_alpha   90.000
_cell.angle_beta   90.000
_cell.angle_gamma   90.000
#
_symmetry.space_group_name_H-M   'P 21 21 21'
#
loop_
_entity.id
_entity.type
_entity.pdbx_description
1 polymer 'Ornithine carbamoyltransferase'
2 non-polymer 'CHLORIDE ION'
3 non-polymer DI(HYDROXYETHYL)ETHER
4 water water
#
_entity_poly.entity_id   1
_entity_poly.type   'polypeptide(L)'
_entity_poly.pdbx_seq_one_letter_code
;MHHHHHHSSGVDLGTENLYFQSNAMAFNLRNRNFLKLLDFSTKEIQFLIDLSADLKKAKYAGTEQKKLLGKNIALIFEKA
STRTRCAFEVAAFDQGAQVTYIGPSGSQIGDKESMKDTARVLGRMYDGIQYRGFGQAIVEELGAFAGVPVWNGLTDEFHP
TQILADFLTMLEHSQGKALADIQFAYLGDARNNVGNSLMVGAAKMGMDIRLVGPQAYWPDEELVAACQAIAKQTGGKITL
TENVAEGVQGCDFLYTDVWVSMGESPEAWDERVALMKPYQVNMNVLKQTGNPNVKFMHCLPAFHNDETTIGKQVADKFGM
KGLEVTEEVFESEHSIVFDEAENRMHTIKAVMVATLGS
;
_entity_poly.pdbx_strand_id   A,B,C
#
loop_
_chem_comp.id
_chem_comp.type
_chem_comp.name
_chem_comp.formula
CL non-polymer 'CHLORIDE ION' 'Cl -1'
PEG non-polymer DI(HYDROXYETHYL)ETHER 'C4 H10 O3'
#
# COMPACT_ATOMS: atom_id res chain seq x y z
N ALA A 24 14.21 20.62 -29.60
CA ALA A 24 12.90 20.12 -29.15
C ALA A 24 12.69 20.56 -27.67
N MET A 25 11.47 20.95 -27.38
CA MET A 25 11.12 21.06 -25.96
C MET A 25 11.25 19.64 -25.44
N ALA A 26 11.13 18.62 -26.28
CA ALA A 26 11.12 17.24 -25.74
C ALA A 26 12.53 16.94 -25.23
N PHE A 27 13.55 17.28 -26.03
CA PHE A 27 14.89 17.01 -25.62
C PHE A 27 15.32 17.76 -24.31
N ASN A 28 14.89 19.00 -24.19
CA ASN A 28 15.11 19.85 -23.00
C ASN A 28 14.45 19.38 -21.73
N LEU A 29 13.35 18.66 -21.86
CA LEU A 29 12.59 18.09 -20.69
C LEU A 29 13.08 16.75 -20.18
N ARG A 30 13.87 16.06 -21.01
CA ARG A 30 14.39 14.74 -20.58
C ARG A 30 15.27 14.83 -19.36
N ASN A 31 15.03 13.94 -18.38
CA ASN A 31 15.74 13.94 -17.16
C ASN A 31 15.59 15.14 -16.24
N ARG A 32 14.68 16.06 -16.54
CA ARG A 32 14.42 17.18 -15.67
C ARG A 32 13.64 16.70 -14.45
N ASN A 33 13.84 17.38 -13.33
CA ASN A 33 12.90 17.30 -12.20
C ASN A 33 11.68 18.19 -12.52
N PHE A 34 10.59 18.00 -11.78
CA PHE A 34 9.38 18.88 -11.90
C PHE A 34 9.07 19.32 -10.49
N LEU A 35 9.74 20.39 -10.07
CA LEU A 35 9.62 20.87 -8.71
C LEU A 35 8.74 22.09 -8.49
N LYS A 36 8.65 22.97 -9.49
CA LYS A 36 7.90 24.19 -9.44
C LYS A 36 7.84 24.71 -10.87
N LEU A 37 6.73 25.37 -11.19
CA LEU A 37 6.61 25.99 -12.49
C LEU A 37 7.62 27.11 -12.75
N LEU A 38 8.10 27.78 -11.71
CA LEU A 38 9.19 28.76 -11.90
C LEU A 38 10.39 28.14 -12.64
N ASP A 39 10.57 26.86 -12.57
CA ASP A 39 11.75 26.25 -13.21
C ASP A 39 11.59 26.03 -14.72
N PHE A 40 10.40 26.29 -15.27
CA PHE A 40 10.15 26.00 -16.69
C PHE A 40 9.85 27.22 -17.54
N SER A 41 10.18 27.18 -18.83
CA SER A 41 9.82 28.28 -19.74
C SER A 41 8.38 28.12 -20.22
N THR A 42 7.86 29.23 -20.75
CA THR A 42 6.57 29.22 -21.39
C THR A 42 6.41 28.04 -22.33
N LYS A 43 7.36 27.91 -23.25
CA LYS A 43 7.25 26.85 -24.23
C LYS A 43 7.31 25.44 -23.64
N GLU A 44 8.10 25.25 -22.59
CA GLU A 44 8.23 23.97 -21.92
C GLU A 44 6.84 23.61 -21.28
N ILE A 45 6.23 24.57 -20.59
CA ILE A 45 4.93 24.36 -19.98
C ILE A 45 3.89 24.03 -21.08
N GLN A 46 3.88 24.77 -22.16
CA GLN A 46 2.95 24.51 -23.26
C GLN A 46 3.14 23.12 -23.83
N PHE A 47 4.41 22.70 -23.93
CA PHE A 47 4.72 21.34 -24.41
C PHE A 47 4.07 20.24 -23.48
N LEU A 48 4.16 20.42 -22.16
CA LEU A 48 3.65 19.48 -21.21
C LEU A 48 2.16 19.38 -21.32
N ILE A 49 1.53 20.56 -21.51
CA ILE A 49 0.09 20.60 -21.63
C ILE A 49 -0.30 19.92 -22.92
N ASP A 50 0.38 20.23 -24.01
CA ASP A 50 0.03 19.60 -25.28
C ASP A 50 0.24 18.06 -25.24
N LEU A 51 1.36 17.61 -24.68
CA LEU A 51 1.57 16.18 -24.43
C LEU A 51 0.43 15.56 -23.59
N SER A 52 -0.05 16.28 -22.54
CA SER A 52 -1.12 15.79 -21.69
C SER A 52 -2.38 15.57 -22.54
N ALA A 53 -2.64 16.51 -23.42
CA ALA A 53 -3.77 16.37 -24.34
C ALA A 53 -3.64 15.19 -25.30
N ASP A 54 -2.44 14.96 -25.86
CA ASP A 54 -2.19 13.80 -26.72
C ASP A 54 -2.38 12.46 -25.96
N LEU A 55 -1.86 12.41 -24.74
CA LEU A 55 -1.94 11.17 -23.92
C LEU A 55 -3.39 10.90 -23.56
N LYS A 56 -4.12 11.96 -23.28
CA LYS A 56 -5.55 11.82 -22.93
C LYS A 56 -6.35 11.24 -24.10
N LYS A 57 -6.10 11.80 -25.27
CA LYS A 57 -6.70 11.33 -26.53
C LYS A 57 -6.34 9.86 -26.83
N ALA A 58 -5.08 9.50 -26.63
CA ALA A 58 -4.62 8.15 -26.89
C ALA A 58 -5.27 7.13 -25.93
N LYS A 59 -5.32 7.48 -24.65
CA LYS A 59 -5.97 6.60 -23.71
C LYS A 59 -7.42 6.36 -24.13
N TYR A 60 -8.18 7.41 -24.39
CA TYR A 60 -9.59 7.29 -24.79
C TYR A 60 -9.75 6.52 -26.15
N ALA A 61 -8.80 6.63 -27.07
CA ALA A 61 -8.85 5.92 -28.35
C ALA A 61 -8.31 4.49 -28.28
N GLY A 62 -7.70 4.11 -27.16
CA GLY A 62 -7.10 2.77 -26.99
C GLY A 62 -5.81 2.60 -27.77
N THR A 63 -5.13 3.69 -28.03
CA THR A 63 -3.87 3.64 -28.82
C THR A 63 -2.67 4.05 -28.02
N GLU A 64 -2.80 3.99 -26.68
CA GLU A 64 -1.73 4.54 -25.82
C GLU A 64 -0.46 3.72 -25.94
N GLN A 65 0.66 4.36 -26.19
CA GLN A 65 1.95 3.65 -26.28
C GLN A 65 2.64 3.77 -24.96
N LYS A 66 3.05 2.65 -24.38
CA LYS A 66 3.75 2.68 -23.10
C LYS A 66 5.21 3.15 -23.24
N LYS A 67 5.57 4.24 -22.58
CA LYS A 67 6.93 4.79 -22.58
C LYS A 67 7.68 4.61 -21.26
N LEU A 68 7.05 4.03 -20.25
CA LEU A 68 7.63 3.78 -18.91
C LEU A 68 7.68 2.31 -18.61
N LEU A 69 7.71 1.49 -19.67
CA LEU A 69 7.71 0.05 -19.50
C LEU A 69 8.94 -0.43 -18.74
N GLY A 70 8.72 -1.20 -17.70
CA GLY A 70 9.80 -1.64 -16.82
C GLY A 70 10.34 -0.66 -15.79
N LYS A 71 9.83 0.58 -15.77
CA LYS A 71 10.32 1.57 -14.82
C LYS A 71 9.65 1.28 -13.44
N ASN A 72 10.37 1.57 -12.38
CA ASN A 72 9.90 1.50 -11.02
C ASN A 72 9.97 2.89 -10.41
N ILE A 73 8.85 3.29 -9.83
CA ILE A 73 8.70 4.63 -9.29
C ILE A 73 8.32 4.60 -7.84
N ALA A 74 8.91 5.48 -7.05
CA ALA A 74 8.61 5.58 -5.62
C ALA A 74 7.74 6.81 -5.41
N LEU A 75 6.67 6.62 -4.66
CA LEU A 75 5.72 7.73 -4.32
C LEU A 75 5.77 7.99 -2.89
N ILE A 76 6.45 9.06 -2.49
CA ILE A 76 6.58 9.39 -1.08
C ILE A 76 5.61 10.42 -0.67
N PHE A 77 4.69 10.07 0.23
CA PHE A 77 3.70 11.00 0.73
C PHE A 77 3.92 11.22 2.22
N GLU A 78 4.62 12.31 2.56
CA GLU A 78 4.81 12.69 3.96
C GLU A 78 3.50 13.21 4.56
N LYS A 79 2.61 13.75 3.71
CA LYS A 79 1.25 14.11 4.05
C LYS A 79 0.40 13.40 3.02
N ALA A 80 -0.66 12.75 3.46
CA ALA A 80 -1.51 11.98 2.59
C ALA A 80 -2.25 12.85 1.60
N SER A 81 -2.38 12.40 0.37
CA SER A 81 -3.31 12.95 -0.57
C SER A 81 -3.72 11.89 -1.54
N THR A 82 -4.90 11.35 -1.32
CA THR A 82 -5.41 10.31 -2.14
C THR A 82 -5.56 10.78 -3.57
N ARG A 83 -5.93 12.03 -3.77
CA ARG A 83 -6.23 12.51 -5.15
C ARG A 83 -4.95 12.53 -6.00
N THR A 84 -3.93 13.09 -5.41
CA THR A 84 -2.59 13.13 -6.09
C THR A 84 -1.97 11.76 -6.18
N ARG A 85 -2.12 10.93 -5.15
CA ARG A 85 -1.58 9.57 -5.24
C ARG A 85 -2.21 8.72 -6.33
N CYS A 86 -3.52 8.74 -6.45
CA CYS A 86 -4.21 8.02 -7.47
C CYS A 86 -3.86 8.46 -8.89
N ALA A 87 -3.68 9.78 -9.07
CA ALA A 87 -3.31 10.32 -10.34
C ALA A 87 -1.90 9.78 -10.75
N PHE A 88 -0.96 9.80 -9.82
CA PHE A 88 0.39 9.19 -10.12
C PHE A 88 0.31 7.72 -10.38
N GLU A 89 -0.42 6.96 -9.58
CA GLU A 89 -0.53 5.55 -9.76
C GLU A 89 -1.12 5.12 -11.06
N VAL A 90 -2.24 5.69 -11.42
CA VAL A 90 -2.92 5.35 -12.62
C VAL A 90 -2.08 5.77 -13.80
N ALA A 91 -1.50 6.96 -13.76
CA ALA A 91 -0.59 7.36 -14.90
C ALA A 91 0.54 6.39 -15.08
N ALA A 92 1.12 5.98 -13.99
CA ALA A 92 2.24 5.02 -14.03
C ALA A 92 1.80 3.67 -14.57
N PHE A 93 0.68 3.15 -14.08
CA PHE A 93 0.18 1.87 -14.56
C PHE A 93 -0.09 1.88 -16.04
N ASP A 94 -0.73 2.92 -16.52
CA ASP A 94 -1.10 3.05 -17.90
C ASP A 94 0.14 3.03 -18.84
N GLN A 95 1.24 3.60 -18.35
CA GLN A 95 2.48 3.73 -19.07
C GLN A 95 3.46 2.60 -18.90
N GLY A 96 3.05 1.56 -18.18
CA GLY A 96 3.80 0.35 -17.99
C GLY A 96 4.76 0.25 -16.80
N ALA A 97 4.76 1.24 -15.94
CA ALA A 97 5.58 1.31 -14.78
C ALA A 97 4.93 0.64 -13.57
N GLN A 98 5.74 0.34 -12.57
CA GLN A 98 5.21 -0.14 -11.28
C GLN A 98 5.56 0.85 -10.18
N VAL A 99 4.76 0.89 -9.12
CA VAL A 99 4.94 1.91 -8.12
C VAL A 99 5.01 1.32 -6.70
N THR A 100 5.74 2.03 -5.83
CA THR A 100 5.80 1.73 -4.41
C THR A 100 5.27 2.96 -3.73
N TYR A 101 4.17 2.81 -3.00
CA TYR A 101 3.58 3.94 -2.21
C TYR A 101 4.07 3.88 -0.80
N ILE A 102 4.75 4.93 -0.38
CA ILE A 102 5.30 5.13 0.95
C ILE A 102 4.52 6.29 1.61
N GLY A 103 3.61 5.92 2.48
CA GLY A 103 2.67 6.90 3.08
C GLY A 103 3.19 7.58 4.32
N PRO A 104 2.38 8.40 4.94
CA PRO A 104 2.84 9.15 6.12
C PRO A 104 3.20 8.23 7.28
N SER A 105 4.18 8.58 8.07
CA SER A 105 4.62 7.58 9.08
C SER A 105 4.99 8.07 10.47
N GLY A 106 4.87 9.38 10.75
CA GLY A 106 5.25 9.93 12.07
C GLY A 106 6.75 10.23 12.21
N SER A 107 7.57 9.47 11.47
CA SER A 107 9.00 9.74 11.35
C SER A 107 9.30 10.35 9.97
N GLN A 108 9.30 11.67 9.89
CA GLN A 108 9.50 12.37 8.61
C GLN A 108 10.92 12.19 8.13
N ILE A 109 11.12 12.32 6.82
CA ILE A 109 12.48 12.35 6.31
C ILE A 109 13.26 13.51 6.93
N GLY A 110 14.47 13.22 7.41
CA GLY A 110 15.29 14.23 8.08
C GLY A 110 15.26 14.11 9.59
N ASP A 111 14.40 13.25 10.14
CA ASP A 111 14.41 12.98 11.60
C ASP A 111 15.53 12.04 12.01
N LYS A 112 15.52 10.84 11.45
CA LYS A 112 16.51 9.78 11.78
C LYS A 112 17.47 9.44 10.60
N GLU A 113 17.16 9.99 9.43
CA GLU A 113 18.04 9.85 8.29
C GLU A 113 17.98 11.11 7.47
N SER A 114 19.12 11.63 7.07
CA SER A 114 19.10 12.83 6.22
C SER A 114 18.39 12.60 4.89
N MET A 115 17.84 13.67 4.34
CA MET A 115 17.30 13.64 2.99
C MET A 115 18.40 13.31 1.98
N LYS A 116 19.61 13.77 2.20
CA LYS A 116 20.73 13.44 1.29
C LYS A 116 20.96 11.92 1.18
N ASP A 117 20.90 11.26 2.31
CA ASP A 117 21.09 9.82 2.37
C ASP A 117 19.88 9.08 1.77
N THR A 118 18.68 9.47 2.16
CA THR A 118 17.45 8.89 1.65
C THR A 118 17.37 9.02 0.14
N ALA A 119 17.74 10.19 -0.37
CA ALA A 119 17.68 10.43 -1.80
C ALA A 119 18.65 9.47 -2.53
N ARG A 120 19.83 9.32 -1.98
CA ARG A 120 20.83 8.50 -2.66
C ARG A 120 20.46 7.03 -2.69
N VAL A 121 19.86 6.53 -1.64
CA VAL A 121 19.40 5.15 -1.60
C VAL A 121 18.21 4.95 -2.55
N LEU A 122 17.22 5.88 -2.50
CA LEU A 122 16.03 5.73 -3.36
C LEU A 122 16.42 5.78 -4.83
N GLY A 123 17.37 6.66 -5.14
CA GLY A 123 17.88 6.83 -6.48
C GLY A 123 18.58 5.60 -7.02
N ARG A 124 19.19 4.82 -6.17
CA ARG A 124 19.79 3.54 -6.57
C ARG A 124 18.75 2.49 -6.93
N MET A 125 17.59 2.53 -6.29
CA MET A 125 16.57 1.50 -6.53
C MET A 125 15.52 1.83 -7.56
N TYR A 126 15.08 3.09 -7.58
CA TYR A 126 13.98 3.54 -8.38
C TYR A 126 14.40 4.38 -9.57
N ASP A 127 13.53 4.42 -10.58
CA ASP A 127 13.79 5.21 -11.81
C ASP A 127 13.25 6.64 -11.73
N GLY A 128 12.28 6.87 -10.85
CA GLY A 128 11.74 8.22 -10.69
C GLY A 128 11.11 8.27 -9.32
N ILE A 129 11.01 9.46 -8.78
CA ILE A 129 10.51 9.62 -7.42
C ILE A 129 9.51 10.79 -7.37
N GLN A 130 8.33 10.56 -6.81
CA GLN A 130 7.44 11.66 -6.45
C GLN A 130 7.56 11.94 -4.95
N TYR A 131 7.40 13.20 -4.57
CA TYR A 131 7.46 13.63 -3.21
C TYR A 131 6.38 14.64 -2.89
N ARG A 132 5.63 14.35 -1.85
CA ARG A 132 4.60 15.27 -1.39
C ARG A 132 4.81 15.46 0.05
N GLY A 133 4.89 16.70 0.45
CA GLY A 133 5.30 16.92 1.82
C GLY A 133 5.27 18.37 2.23
N PHE A 134 6.32 18.75 2.90
CA PHE A 134 6.38 20.00 3.62
C PHE A 134 7.08 21.05 2.78
N GLY A 135 8.21 21.51 3.23
CA GLY A 135 8.82 22.69 2.61
C GLY A 135 9.38 22.41 1.23
N GLN A 136 9.33 23.42 0.36
CA GLN A 136 9.98 23.34 -0.96
C GLN A 136 11.42 22.98 -0.81
N ALA A 137 12.09 23.47 0.25
CA ALA A 137 13.55 23.13 0.42
C ALA A 137 13.86 21.62 0.45
N ILE A 138 12.96 20.85 1.03
CA ILE A 138 13.12 19.43 1.15
C ILE A 138 13.07 18.74 -0.23
N VAL A 139 12.08 19.08 -1.04
CA VAL A 139 12.00 18.46 -2.35
C VAL A 139 13.14 18.94 -3.26
N GLU A 140 13.61 20.18 -3.09
CA GLU A 140 14.75 20.68 -3.86
C GLU A 140 16.03 19.87 -3.52
N GLU A 141 16.16 19.49 -2.25
CA GLU A 141 17.27 18.64 -1.83
C GLU A 141 17.18 17.24 -2.39
N LEU A 142 15.98 16.68 -2.33
CA LEU A 142 15.72 15.40 -2.98
C LEU A 142 16.07 15.46 -4.46
N GLY A 143 15.59 16.49 -5.12
CA GLY A 143 15.88 16.71 -6.52
C GLY A 143 17.41 16.84 -6.78
N ALA A 144 18.17 17.42 -5.89
CA ALA A 144 19.63 17.61 -6.13
C ALA A 144 20.43 16.32 -5.96
N PHE A 145 19.97 15.43 -5.10
CA PHE A 145 20.73 14.24 -4.75
C PHE A 145 20.22 12.89 -5.20
N ALA A 146 18.99 12.80 -5.69
CA ALA A 146 18.46 11.47 -6.03
C ALA A 146 19.20 10.84 -7.27
N GLY A 147 19.59 11.68 -8.20
CA GLY A 147 20.19 11.25 -9.49
C GLY A 147 19.16 10.73 -10.50
N VAL A 148 17.82 10.86 -10.22
CA VAL A 148 16.76 10.48 -11.10
C VAL A 148 15.71 11.58 -11.04
N PRO A 149 14.72 11.59 -11.95
CA PRO A 149 13.77 12.66 -11.96
C PRO A 149 12.91 12.62 -10.65
N VAL A 150 12.77 13.78 -10.05
CA VAL A 150 11.94 13.97 -8.84
C VAL A 150 10.80 14.92 -9.25
N TRP A 151 9.60 14.58 -8.78
CA TRP A 151 8.42 15.32 -9.14
C TRP A 151 7.68 15.74 -7.85
N ASN A 152 7.35 17.03 -7.76
CA ASN A 152 6.69 17.61 -6.56
C ASN A 152 5.13 17.49 -6.67
N GLY A 153 4.54 16.63 -5.88
CA GLY A 153 3.08 16.43 -5.83
C GLY A 153 2.35 17.39 -4.87
N LEU A 154 3.11 18.26 -4.20
CA LEU A 154 2.64 19.39 -3.34
C LEU A 154 3.70 19.64 -2.25
N THR A 155 4.06 20.93 -2.09
CA THR A 155 4.83 21.38 -0.95
C THR A 155 4.04 22.54 -0.30
N ASP A 156 4.53 23.04 0.82
CA ASP A 156 3.89 24.28 1.41
C ASP A 156 3.72 25.45 0.40
N GLU A 157 4.74 25.69 -0.38
CA GLU A 157 4.88 26.83 -1.29
C GLU A 157 4.23 26.66 -2.68
N PHE A 158 4.28 25.43 -3.26
CA PHE A 158 3.80 25.22 -4.62
C PHE A 158 3.06 23.89 -4.87
N HIS A 159 2.18 23.90 -5.87
CA HIS A 159 1.39 22.78 -6.27
C HIS A 159 1.39 22.73 -7.78
N PRO A 160 2.54 22.39 -8.37
CA PRO A 160 2.60 22.59 -9.81
C PRO A 160 1.80 21.60 -10.66
N THR A 161 1.57 20.37 -10.19
CA THR A 161 0.82 19.39 -10.99
C THR A 161 -0.64 19.82 -11.07
N GLN A 162 -1.10 20.38 -9.99
CA GLN A 162 -2.54 20.90 -9.98
C GLN A 162 -2.75 21.96 -11.07
N ILE A 163 -1.90 23.01 -11.06
CA ILE A 163 -1.98 24.07 -12.07
C ILE A 163 -1.83 23.55 -13.51
N LEU A 164 -0.97 22.55 -13.78
CA LEU A 164 -0.99 21.96 -15.16
C LEU A 164 -2.32 21.37 -15.57
N ALA A 165 -2.92 20.63 -14.65
CA ALA A 165 -4.33 20.13 -14.84
C ALA A 165 -5.32 21.21 -15.11
N ASP A 166 -5.25 22.25 -14.26
CA ASP A 166 -6.12 23.46 -14.37
C ASP A 166 -5.96 24.11 -15.75
N PHE A 167 -4.73 24.25 -16.23
CA PHE A 167 -4.52 24.87 -17.52
C PHE A 167 -4.98 24.02 -18.69
N LEU A 168 -4.80 22.71 -18.61
CA LEU A 168 -5.36 21.80 -19.63
C LEU A 168 -6.88 21.92 -19.67
N THR A 169 -7.49 22.00 -18.49
CA THR A 169 -8.93 22.09 -18.35
C THR A 169 -9.48 23.42 -18.95
N MET A 170 -8.81 24.53 -18.64
CA MET A 170 -9.16 25.84 -19.22
C MET A 170 -9.13 25.82 -20.73
N LEU A 171 -8.10 25.19 -21.29
CA LEU A 171 -7.98 25.08 -22.75
C LEU A 171 -9.12 24.24 -23.31
N GLU A 172 -9.50 23.14 -22.65
CA GLU A 172 -10.54 22.34 -23.18
C GLU A 172 -11.88 23.02 -23.15
N HIS A 173 -12.04 23.92 -22.21
CA HIS A 173 -13.34 24.60 -22.05
C HIS A 173 -13.32 26.03 -22.48
N SER A 174 -12.38 26.45 -23.32
CA SER A 174 -12.37 27.86 -23.69
C SER A 174 -12.52 28.07 -25.26
N GLN A 175 -12.87 27.01 -25.97
CA GLN A 175 -13.35 27.06 -27.35
C GLN A 175 -12.31 27.76 -28.22
N GLY A 176 -11.17 27.12 -28.38
CA GLY A 176 -10.13 27.66 -29.24
C GLY A 176 -9.30 28.82 -28.71
N LYS A 177 -9.66 29.46 -27.60
CA LYS A 177 -8.79 30.49 -26.99
C LYS A 177 -7.54 29.87 -26.39
N ALA A 178 -6.42 30.54 -26.56
CA ALA A 178 -5.14 30.10 -26.04
C ALA A 178 -5.02 30.64 -24.61
N LEU A 179 -4.08 30.08 -23.83
CA LEU A 179 -3.91 30.52 -22.47
C LEU A 179 -3.70 32.02 -22.40
N ALA A 180 -2.91 32.56 -23.35
CA ALA A 180 -2.51 33.95 -23.27
C ALA A 180 -3.73 34.87 -23.46
N ASP A 181 -4.80 34.31 -23.99
CA ASP A 181 -6.05 35.07 -24.18
C ASP A 181 -7.02 34.99 -23.05
N ILE A 182 -6.73 34.21 -22.01
CA ILE A 182 -7.72 33.86 -20.98
C ILE A 182 -7.60 34.78 -19.77
N GLN A 183 -8.77 35.13 -19.19
CA GLN A 183 -8.83 35.95 -17.96
C GLN A 183 -9.47 35.12 -16.91
N PHE A 184 -8.91 35.09 -15.70
CA PHE A 184 -9.58 34.34 -14.64
C PHE A 184 -9.31 34.94 -13.30
N ALA A 185 -10.24 34.68 -12.35
CA ALA A 185 -10.13 35.16 -11.02
C ALA A 185 -10.09 34.02 -10.08
N TYR A 186 -9.22 34.14 -9.08
CA TYR A 186 -9.15 33.26 -7.97
C TYR A 186 -9.69 33.99 -6.74
N LEU A 187 -10.61 33.35 -6.05
CA LEU A 187 -11.34 33.98 -4.96
C LEU A 187 -11.00 33.36 -3.62
N GLY A 188 -10.73 34.23 -2.68
CA GLY A 188 -10.65 33.88 -1.26
C GLY A 188 -9.23 33.98 -0.70
N ASP A 189 -8.71 32.88 -0.20
CA ASP A 189 -7.36 32.83 0.40
C ASP A 189 -6.34 32.43 -0.63
N ALA A 190 -5.59 33.40 -1.12
CA ALA A 190 -4.57 33.14 -2.16
C ALA A 190 -3.13 32.92 -1.64
N ARG A 191 -2.96 32.99 -0.32
CA ARG A 191 -1.65 32.91 0.30
C ARG A 191 -1.29 31.48 0.66
N ASN A 192 -1.04 30.69 -0.37
CA ASN A 192 -0.84 29.26 -0.21
C ASN A 192 -0.40 28.67 -1.55
N ASN A 193 -0.12 27.37 -1.53
CA ASN A 193 0.51 26.70 -2.72
C ASN A 193 -0.29 26.88 -3.98
N VAL A 194 -1.63 26.73 -3.89
CA VAL A 194 -2.44 26.78 -5.09
C VAL A 194 -2.57 28.22 -5.62
N GLY A 195 -2.77 29.19 -4.73
CA GLY A 195 -2.62 30.58 -5.15
C GLY A 195 -1.28 30.93 -5.82
N ASN A 196 -0.21 30.53 -5.15
CA ASN A 196 1.15 30.81 -5.60
C ASN A 196 1.31 30.27 -6.99
N SER A 197 0.96 28.97 -7.16
CA SER A 197 1.17 28.31 -8.43
C SER A 197 0.32 28.88 -9.55
N LEU A 198 -0.96 29.23 -9.22
CA LEU A 198 -1.80 29.83 -10.22
C LEU A 198 -1.19 31.16 -10.74
N MET A 199 -0.61 31.93 -9.84
CA MET A 199 -0.02 33.23 -10.15
C MET A 199 1.24 33.02 -11.00
N VAL A 200 2.07 32.08 -10.58
CA VAL A 200 3.30 31.77 -11.40
C VAL A 200 2.86 31.32 -12.81
N GLY A 201 1.96 30.35 -12.86
CA GLY A 201 1.49 29.82 -14.14
C GLY A 201 0.92 30.87 -15.05
N ALA A 202 0.02 31.73 -14.48
CA ALA A 202 -0.57 32.80 -15.25
C ALA A 202 0.50 33.74 -15.86
N ALA A 203 1.48 34.10 -15.04
CA ALA A 203 2.58 34.94 -15.48
C ALA A 203 3.41 34.29 -16.60
N LYS A 204 3.81 33.02 -16.40
CA LYS A 204 4.49 32.29 -17.46
C LYS A 204 3.78 32.18 -18.75
N MET A 205 2.43 32.03 -18.69
CA MET A 205 1.72 31.74 -19.88
C MET A 205 1.06 32.99 -20.48
N GLY A 206 1.26 34.13 -19.85
CA GLY A 206 0.74 35.41 -20.42
C GLY A 206 -0.73 35.70 -20.14
N MET A 207 -1.24 35.12 -19.10
CA MET A 207 -2.67 35.18 -18.82
C MET A 207 -2.95 36.40 -17.98
N ASP A 208 -4.26 36.70 -17.82
CA ASP A 208 -4.72 37.80 -17.00
C ASP A 208 -5.33 37.17 -15.76
N ILE A 209 -4.68 37.31 -14.62
CA ILE A 209 -5.16 36.65 -13.39
C ILE A 209 -5.50 37.74 -12.40
N ARG A 210 -6.67 37.59 -11.76
CA ARG A 210 -7.00 38.42 -10.66
C ARG A 210 -7.00 37.55 -9.42
N LEU A 211 -6.33 38.02 -8.37
CA LEU A 211 -6.46 37.45 -7.02
C LEU A 211 -7.43 38.37 -6.20
N VAL A 212 -8.58 37.80 -5.84
CA VAL A 212 -9.79 38.55 -5.30
C VAL A 212 -9.99 38.04 -3.91
N GLY A 213 -9.58 38.83 -2.95
CA GLY A 213 -9.63 38.38 -1.56
C GLY A 213 -9.16 39.48 -0.60
N PRO A 214 -9.30 39.23 0.70
CA PRO A 214 -8.83 40.24 1.66
C PRO A 214 -7.33 40.38 1.47
N GLN A 215 -6.85 41.62 1.54
CA GLN A 215 -5.42 41.97 1.32
C GLN A 215 -4.45 41.14 2.16
N ALA A 216 -4.83 40.81 3.38
CA ALA A 216 -3.95 39.97 4.21
C ALA A 216 -3.70 38.59 3.64
N TYR A 217 -4.55 38.16 2.71
CA TYR A 217 -4.45 36.78 2.14
C TYR A 217 -4.02 36.78 0.69
N TRP A 218 -3.40 37.88 0.26
CA TRP A 218 -2.79 37.88 -1.08
C TRP A 218 -1.50 37.13 -0.99
N PRO A 219 -0.94 36.73 -2.15
CA PRO A 219 0.31 35.97 -2.07
C PRO A 219 1.49 36.78 -1.59
N ASP A 220 2.46 36.09 -1.03
CA ASP A 220 3.73 36.64 -0.62
C ASP A 220 4.26 37.72 -1.58
N GLU A 221 4.55 38.91 -1.05
CA GLU A 221 4.94 40.07 -1.89
C GLU A 221 6.19 39.82 -2.77
N GLU A 222 7.18 39.07 -2.29
CA GLU A 222 8.35 38.75 -3.12
C GLU A 222 7.98 37.87 -4.34
N LEU A 223 7.08 36.92 -4.12
CA LEU A 223 6.64 36.09 -5.24
C LEU A 223 5.86 36.92 -6.23
N VAL A 224 5.02 37.82 -5.71
CA VAL A 224 4.22 38.73 -6.56
C VAL A 224 5.16 39.54 -7.48
N ALA A 225 6.19 40.11 -6.90
CA ALA A 225 7.13 40.94 -7.65
C ALA A 225 7.79 40.08 -8.74
N ALA A 226 8.14 38.87 -8.38
CA ALA A 226 8.84 37.96 -9.38
C ALA A 226 7.91 37.65 -10.50
N CYS A 227 6.64 37.39 -10.15
CA CYS A 227 5.62 37.12 -11.15
C CYS A 227 5.30 38.31 -12.03
N GLN A 228 5.23 39.51 -11.43
CA GLN A 228 5.04 40.74 -12.25
C GLN A 228 6.16 40.88 -13.31
N ALA A 229 7.38 40.61 -12.91
CA ALA A 229 8.52 40.70 -13.88
C ALA A 229 8.35 39.67 -15.01
N ILE A 230 7.90 38.46 -14.65
CA ILE A 230 7.68 37.43 -15.70
C ILE A 230 6.55 37.87 -16.59
N ALA A 231 5.47 38.36 -15.96
CA ALA A 231 4.26 38.78 -16.71
C ALA A 231 4.60 39.90 -17.74
N LYS A 232 5.55 40.77 -17.38
CA LYS A 232 5.99 41.79 -18.33
C LYS A 232 6.57 41.20 -19.60
N GLN A 233 7.30 40.10 -19.47
CA GLN A 233 7.84 39.48 -20.66
C GLN A 233 6.81 38.78 -21.50
N THR A 234 5.71 38.34 -20.91
CA THR A 234 4.75 37.46 -21.60
C THR A 234 3.46 38.17 -22.06
N GLY A 235 3.27 39.41 -21.66
CA GLY A 235 1.97 40.14 -21.87
C GLY A 235 0.93 39.78 -20.83
N GLY A 236 1.33 39.08 -19.77
CA GLY A 236 0.33 38.72 -18.75
C GLY A 236 -0.03 39.91 -17.88
N LYS A 237 -0.99 39.72 -17.00
CA LYS A 237 -1.38 40.73 -16.05
C LYS A 237 -1.77 40.05 -14.74
N ILE A 238 -1.31 40.64 -13.64
CA ILE A 238 -1.62 40.22 -12.30
C ILE A 238 -2.29 41.38 -11.57
N THR A 239 -3.52 41.18 -11.12
CA THR A 239 -4.28 42.21 -10.36
C THR A 239 -4.62 41.65 -9.02
N LEU A 240 -4.25 42.35 -7.97
CA LEU A 240 -4.67 41.96 -6.65
C LEU A 240 -5.73 42.96 -6.19
N THR A 241 -6.88 42.47 -5.75
CA THR A 241 -7.99 43.36 -5.37
C THR A 241 -8.91 42.77 -4.29
N GLU A 242 -9.44 43.65 -3.45
CA GLU A 242 -10.44 43.28 -2.46
C GLU A 242 -11.83 43.36 -3.05
N ASN A 243 -11.92 43.89 -4.26
CA ASN A 243 -13.19 44.18 -4.87
C ASN A 243 -13.65 43.08 -5.81
N VAL A 244 -14.71 42.36 -5.40
CA VAL A 244 -15.20 41.23 -6.18
C VAL A 244 -15.68 41.67 -7.56
N ALA A 245 -16.56 42.69 -7.61
CA ALA A 245 -17.18 43.08 -8.92
C ALA A 245 -16.11 43.43 -9.99
N GLU A 246 -15.12 44.22 -9.58
CA GLU A 246 -14.02 44.62 -10.44
C GLU A 246 -13.09 43.42 -10.71
N GLY A 247 -12.84 42.62 -9.70
CA GLY A 247 -11.97 41.41 -9.90
C GLY A 247 -12.52 40.38 -10.90
N VAL A 248 -13.83 40.15 -10.88
CA VAL A 248 -14.45 39.08 -11.73
C VAL A 248 -14.97 39.51 -13.09
N GLN A 249 -14.99 40.80 -13.31
CA GLN A 249 -15.60 41.33 -14.51
C GLN A 249 -14.86 40.76 -15.75
N GLY A 250 -15.59 40.19 -16.71
CA GLY A 250 -15.01 39.75 -17.98
C GLY A 250 -14.33 38.36 -17.86
N CYS A 251 -14.34 37.75 -16.67
CA CYS A 251 -13.58 36.43 -16.48
C CYS A 251 -14.20 35.23 -17.17
N ASP A 252 -13.31 34.42 -17.71
CA ASP A 252 -13.68 33.16 -18.40
C ASP A 252 -13.80 32.04 -17.40
N PHE A 253 -13.04 32.14 -16.29
CA PHE A 253 -13.11 31.19 -15.24
C PHE A 253 -13.11 31.86 -13.92
N LEU A 254 -13.74 31.20 -12.96
CA LEU A 254 -13.64 31.60 -11.57
C LEU A 254 -13.18 30.38 -10.81
N TYR A 255 -12.23 30.58 -9.88
CA TYR A 255 -11.56 29.46 -9.23
C TYR A 255 -11.59 29.77 -7.77
N THR A 256 -11.87 28.79 -6.95
CA THR A 256 -11.69 28.98 -5.54
C THR A 256 -11.21 27.70 -4.87
N ASP A 257 -11.04 27.81 -3.56
CA ASP A 257 -10.62 26.72 -2.75
C ASP A 257 -11.05 26.95 -1.32
N VAL A 258 -10.93 25.93 -0.49
CA VAL A 258 -11.31 26.04 0.93
C VAL A 258 -10.49 27.08 1.70
N TRP A 259 -11.10 27.76 2.68
CA TRP A 259 -10.35 28.72 3.44
C TRP A 259 -10.68 28.75 4.96
N ARG A 272 -12.18 34.24 10.45
CA ARG A 272 -11.91 33.86 9.06
C ARG A 272 -13.17 33.77 8.18
N VAL A 273 -14.23 33.15 8.67
CA VAL A 273 -15.45 33.02 7.84
C VAL A 273 -16.08 34.38 7.52
N ALA A 274 -16.19 35.25 8.53
CA ALA A 274 -16.81 36.58 8.33
C ALA A 274 -15.96 37.38 7.37
N LEU A 275 -14.67 37.23 7.54
CA LEU A 275 -13.68 37.82 6.68
C LEU A 275 -13.81 37.34 5.19
N MET A 276 -13.95 36.03 5.00
CA MET A 276 -13.98 35.43 3.65
C MET A 276 -15.35 35.38 2.99
N LYS A 277 -16.41 35.50 3.78
CA LYS A 277 -17.76 35.31 3.28
C LYS A 277 -18.07 36.17 2.04
N PRO A 278 -17.59 37.41 1.99
CA PRO A 278 -17.91 38.20 0.79
C PRO A 278 -17.35 37.64 -0.50
N TYR A 279 -16.42 36.68 -0.38
CA TYR A 279 -15.74 36.14 -1.56
C TYR A 279 -16.26 34.77 -2.01
N GLN A 280 -17.36 34.34 -1.38
CA GLN A 280 -18.00 33.08 -1.76
C GLN A 280 -18.32 33.13 -3.24
N VAL A 281 -18.08 32.03 -3.93
CA VAL A 281 -18.56 31.96 -5.30
C VAL A 281 -20.01 31.47 -5.27
N ASN A 282 -20.96 32.39 -5.53
CA ASN A 282 -22.36 32.02 -5.70
C ASN A 282 -22.83 32.47 -7.09
N MET A 283 -24.12 32.26 -7.38
CA MET A 283 -24.61 32.56 -8.72
C MET A 283 -24.49 34.05 -9.00
N ASN A 284 -24.52 34.85 -7.96
CA ASN A 284 -24.42 36.32 -8.15
C ASN A 284 -23.05 36.74 -8.65
N VAL A 285 -22.03 36.04 -8.16
CA VAL A 285 -20.67 36.32 -8.61
C VAL A 285 -20.61 35.93 -10.06
N LEU A 286 -21.09 34.73 -10.39
CA LEU A 286 -21.14 34.32 -11.78
C LEU A 286 -21.78 35.42 -12.62
N LYS A 287 -22.94 35.90 -12.19
CA LYS A 287 -23.62 37.01 -12.93
C LYS A 287 -22.87 38.36 -13.08
N GLN A 288 -22.14 38.71 -12.03
CA GLN A 288 -21.14 39.83 -12.10
C GLN A 288 -20.01 39.73 -13.15
N THR A 289 -19.69 38.54 -13.64
CA THR A 289 -18.66 38.44 -14.70
C THR A 289 -19.17 39.03 -15.98
N GLY A 290 -20.49 39.07 -16.12
CA GLY A 290 -21.13 39.51 -17.36
C GLY A 290 -20.94 38.54 -18.51
N ASN A 291 -20.42 37.35 -18.20
CA ASN A 291 -20.07 36.34 -19.20
C ASN A 291 -20.96 35.07 -19.12
N PRO A 292 -21.88 34.89 -20.08
CA PRO A 292 -22.76 33.71 -20.12
C PRO A 292 -22.03 32.38 -20.15
N ASN A 293 -20.80 32.38 -20.63
CA ASN A 293 -19.96 31.13 -20.70
C ASN A 293 -18.99 30.93 -19.56
N VAL A 294 -19.04 31.75 -18.52
CA VAL A 294 -18.13 31.62 -17.40
C VAL A 294 -18.17 30.17 -16.86
N LYS A 295 -17.00 29.62 -16.51
CA LYS A 295 -16.92 28.30 -15.91
C LYS A 295 -16.31 28.38 -14.48
N PHE A 296 -16.64 27.40 -13.65
CA PHE A 296 -16.24 27.38 -12.24
C PHE A 296 -15.29 26.18 -11.98
N MET A 297 -14.17 26.49 -11.38
CA MET A 297 -13.11 25.55 -11.07
C MET A 297 -12.80 25.55 -9.62
N HIS A 298 -12.35 24.42 -9.12
CA HIS A 298 -12.04 24.24 -7.73
C HIS A 298 -11.06 23.05 -7.68
N CYS A 299 -9.97 23.19 -6.94
CA CYS A 299 -8.99 22.10 -6.90
C CYS A 299 -9.43 20.87 -6.10
N LEU A 300 -10.44 21.03 -5.22
CA LEU A 300 -10.99 19.95 -4.38
C LEU A 300 -10.07 19.54 -3.27
N PRO A 301 -10.59 19.02 -2.15
CA PRO A 301 -12.01 18.89 -1.91
C PRO A 301 -12.70 20.22 -1.56
N ALA A 302 -14.00 20.25 -1.71
CA ALA A 302 -14.77 21.51 -1.58
C ALA A 302 -15.87 21.37 -0.52
N PHE A 303 -16.11 22.46 0.20
CA PHE A 303 -17.26 22.55 1.14
C PHE A 303 -18.37 23.29 0.44
N HIS A 304 -19.22 22.56 -0.25
CA HIS A 304 -20.32 23.17 -1.00
C HIS A 304 -21.73 22.83 -0.49
N ASN A 305 -21.83 22.03 0.56
CA ASN A 305 -23.12 21.58 1.08
C ASN A 305 -23.00 20.97 2.48
N ASP A 306 -24.09 20.32 2.92
CA ASP A 306 -24.29 19.64 4.23
C ASP A 306 -23.75 18.20 4.35
N GLU A 307 -23.28 17.67 3.24
CA GLU A 307 -23.04 16.22 3.14
C GLU A 307 -21.69 15.85 3.69
N THR A 308 -20.69 16.67 3.42
CA THR A 308 -19.51 16.65 4.26
C THR A 308 -20.04 16.81 5.71
N THR A 309 -19.27 16.27 6.67
CA THR A 309 -19.61 16.36 8.13
C THR A 309 -19.47 17.82 8.61
N ILE A 310 -18.51 18.55 8.08
CA ILE A 310 -18.37 19.98 8.34
C ILE A 310 -19.60 20.77 7.82
N GLY A 311 -20.23 20.28 6.77
CA GLY A 311 -21.37 20.96 6.12
C GLY A 311 -22.61 21.18 7.01
N LYS A 312 -23.05 20.13 7.68
CA LYS A 312 -24.22 20.24 8.62
C LYS A 312 -23.84 21.18 9.80
N GLN A 313 -22.66 20.94 10.37
CA GLN A 313 -22.09 21.78 11.45
C GLN A 313 -22.23 23.29 11.16
N VAL A 314 -21.69 23.70 10.01
CA VAL A 314 -21.50 25.12 9.64
C VAL A 314 -22.76 25.78 9.01
N ALA A 315 -23.55 24.99 8.28
CA ALA A 315 -24.93 25.39 7.90
C ALA A 315 -25.71 25.80 9.15
N ASP A 316 -25.49 25.09 10.25
CA ASP A 316 -25.79 25.63 11.59
C ASP A 316 -24.75 26.71 12.06
N LYS A 317 -23.51 26.31 12.30
CA LYS A 317 -22.51 27.20 12.93
C LYS A 317 -22.38 28.64 12.40
N PHE A 318 -22.66 28.86 11.12
CA PHE A 318 -22.74 30.22 10.54
C PHE A 318 -23.95 30.47 9.66
N GLY A 319 -24.94 29.58 9.72
CA GLY A 319 -26.16 29.70 8.92
C GLY A 319 -26.01 29.64 7.41
N MET A 320 -24.95 28.99 6.91
CA MET A 320 -24.69 28.92 5.46
C MET A 320 -24.77 27.48 4.96
N LYS A 321 -25.30 27.26 3.76
CA LYS A 321 -25.21 25.96 3.08
C LYS A 321 -24.07 26.05 2.07
N GLY A 322 -22.91 25.52 2.46
CA GLY A 322 -21.71 25.62 1.64
C GLY A 322 -20.90 26.89 1.88
N LEU A 323 -19.58 26.80 1.71
CA LEU A 323 -18.69 27.90 2.13
C LEU A 323 -18.14 28.68 0.98
N GLU A 324 -17.05 28.19 0.41
CA GLU A 324 -16.36 28.99 -0.59
C GLU A 324 -17.17 28.97 -1.85
N VAL A 325 -18.01 27.97 -2.00
CA VAL A 325 -18.88 27.90 -3.18
C VAL A 325 -20.24 27.34 -2.72
N THR A 326 -21.31 27.71 -3.42
CA THR A 326 -22.65 27.15 -3.13
C THR A 326 -22.92 25.85 -3.91
N GLU A 327 -23.82 25.00 -3.36
CA GLU A 327 -24.25 23.82 -4.07
C GLU A 327 -24.73 24.20 -5.47
N GLU A 328 -25.53 25.27 -5.57
CA GLU A 328 -26.04 25.66 -6.89
C GLU A 328 -24.90 25.81 -7.96
N VAL A 329 -23.85 26.51 -7.59
CA VAL A 329 -22.78 26.75 -8.56
C VAL A 329 -22.00 25.44 -8.80
N PHE A 330 -21.72 24.73 -7.74
CA PHE A 330 -20.85 23.52 -7.80
C PHE A 330 -21.45 22.45 -8.69
N GLU A 331 -22.76 22.28 -8.59
CA GLU A 331 -23.51 21.29 -9.39
C GLU A 331 -24.08 21.83 -10.69
N SER A 332 -23.92 23.13 -10.94
CA SER A 332 -24.39 23.70 -12.22
C SER A 332 -23.63 23.22 -13.45
N GLU A 333 -24.20 23.52 -14.59
CA GLU A 333 -23.55 23.28 -15.87
C GLU A 333 -22.33 24.18 -16.07
N HIS A 334 -22.14 25.18 -15.21
CA HIS A 334 -20.93 26.00 -15.29
C HIS A 334 -19.71 25.32 -14.67
N SER A 335 -19.96 24.29 -13.86
CA SER A 335 -18.93 23.72 -13.02
C SER A 335 -18.20 22.70 -13.84
N ILE A 336 -16.88 22.82 -13.87
CA ILE A 336 -16.08 21.84 -14.57
C ILE A 336 -15.10 21.13 -13.61
N VAL A 337 -15.46 21.09 -12.33
CA VAL A 337 -14.54 20.55 -11.34
C VAL A 337 -14.14 19.07 -11.57
N PHE A 338 -15.00 18.27 -12.16
CA PHE A 338 -14.67 16.83 -12.33
C PHE A 338 -13.85 16.57 -13.58
N ASP A 339 -14.04 17.38 -14.62
CA ASP A 339 -13.06 17.34 -15.75
C ASP A 339 -11.66 17.75 -15.25
N GLU A 340 -11.63 18.80 -14.41
CA GLU A 340 -10.36 19.29 -13.82
C GLU A 340 -9.70 18.20 -12.96
N ALA A 341 -10.49 17.48 -12.16
CA ALA A 341 -9.95 16.39 -11.37
C ALA A 341 -9.38 15.24 -12.22
N GLU A 342 -10.08 14.88 -13.28
CA GLU A 342 -9.60 13.85 -14.19
C GLU A 342 -8.30 14.25 -14.83
N ASN A 343 -8.17 15.53 -15.18
CA ASN A 343 -6.98 16.03 -15.83
C ASN A 343 -5.72 16.03 -14.95
N ARG A 344 -5.88 15.79 -13.66
CA ARG A 344 -4.78 15.62 -12.77
C ARG A 344 -3.94 14.41 -13.29
N MET A 345 -4.63 13.37 -13.71
CA MET A 345 -3.91 12.12 -14.13
C MET A 345 -3.19 12.34 -15.44
N HIS A 346 -3.89 12.95 -16.41
CA HIS A 346 -3.27 13.09 -17.73
C HIS A 346 -2.01 13.98 -17.70
N THR A 347 -2.07 15.07 -16.90
CA THR A 347 -0.97 15.98 -16.78
C THR A 347 0.18 15.42 -15.98
N ILE A 348 -0.10 14.67 -14.89
CA ILE A 348 0.99 13.93 -14.19
C ILE A 348 1.63 12.90 -15.11
N LYS A 349 0.83 12.26 -15.95
CA LYS A 349 1.38 11.32 -16.91
C LYS A 349 2.35 12.01 -17.87
N ALA A 350 1.96 13.17 -18.36
CA ALA A 350 2.83 13.94 -19.24
C ALA A 350 4.13 14.30 -18.56
N VAL A 351 4.05 14.74 -17.32
CA VAL A 351 5.30 15.03 -16.60
C VAL A 351 6.23 13.82 -16.55
N MET A 352 5.72 12.69 -16.16
CA MET A 352 6.59 11.47 -16.06
C MET A 352 7.07 11.03 -17.42
N VAL A 353 6.21 11.04 -18.41
CA VAL A 353 6.61 10.63 -19.81
C VAL A 353 7.69 11.55 -20.43
N ALA A 354 7.51 12.87 -20.25
CA ALA A 354 8.47 13.84 -20.75
C ALA A 354 9.86 13.69 -20.07
N THR A 355 9.87 13.47 -18.78
CA THR A 355 11.07 13.46 -18.03
C THR A 355 11.76 12.10 -17.99
N LEU A 356 11.02 11.00 -17.98
CA LEU A 356 11.57 9.71 -17.75
C LEU A 356 11.28 8.77 -18.96
N GLY A 357 10.30 9.18 -19.78
CA GLY A 357 9.83 8.30 -20.82
C GLY A 357 10.85 8.03 -21.90
N SER A 358 10.79 6.80 -22.42
CA SER A 358 11.84 6.18 -23.31
C SER A 358 11.11 5.56 -24.49
N ALA B 24 26.01 -23.51 -12.36
CA ALA B 24 27.09 -24.53 -12.09
C ALA B 24 27.14 -25.01 -10.64
N MET B 25 25.98 -25.42 -10.14
CA MET B 25 25.86 -26.09 -8.84
C MET B 25 25.23 -27.46 -9.00
N ALA B 26 25.44 -28.31 -8.01
CA ALA B 26 24.85 -29.62 -7.94
C ALA B 26 23.44 -29.61 -7.28
N PHE B 27 23.15 -28.58 -6.49
CA PHE B 27 21.93 -28.52 -5.68
C PHE B 27 21.09 -27.36 -6.20
N ASN B 28 19.88 -27.18 -5.60
CA ASN B 28 19.15 -25.97 -5.78
C ASN B 28 18.39 -25.67 -4.50
N LEU B 29 17.83 -24.51 -4.45
CA LEU B 29 17.04 -24.11 -3.28
C LEU B 29 15.57 -23.97 -3.57
N ARG B 30 15.08 -24.66 -4.58
CA ARG B 30 13.72 -24.52 -4.97
C ARG B 30 12.78 -24.87 -3.84
N ASN B 31 11.82 -24.00 -3.59
CA ASN B 31 10.82 -24.19 -2.55
C ASN B 31 11.31 -24.16 -1.10
N ARG B 32 12.56 -23.77 -0.88
CA ARG B 32 13.07 -23.55 0.48
C ARG B 32 12.57 -22.20 1.07
N ASN B 33 12.45 -22.13 2.41
CA ASN B 33 12.34 -20.87 3.11
C ASN B 33 13.68 -20.18 3.22
N PHE B 34 13.72 -18.90 3.58
CA PHE B 34 14.96 -18.18 3.92
C PHE B 34 14.78 -17.50 5.25
N LEU B 35 15.01 -18.26 6.31
CA LEU B 35 14.68 -17.74 7.66
C LEU B 35 15.87 -17.22 8.44
N LYS B 36 17.06 -17.82 8.23
CA LYS B 36 18.25 -17.44 8.96
C LYS B 36 19.40 -18.15 8.29
N LEU B 37 20.57 -17.55 8.38
CA LEU B 37 21.73 -18.13 7.69
C LEU B 37 22.14 -19.46 8.30
N LEU B 38 21.87 -19.65 9.59
CA LEU B 38 22.16 -20.93 10.23
C LEU B 38 21.55 -22.10 9.50
N ASP B 39 20.49 -21.87 8.72
CA ASP B 39 19.81 -22.98 8.06
C ASP B 39 20.50 -23.40 6.78
N PHE B 40 21.57 -22.70 6.39
CA PHE B 40 22.19 -22.98 5.07
C PHE B 40 23.64 -23.37 5.20
N SER B 41 24.11 -24.14 4.23
CA SER B 41 25.54 -24.53 4.16
C SER B 41 26.33 -23.38 3.45
N THR B 42 27.64 -23.46 3.64
CA THR B 42 28.58 -22.57 2.97
C THR B 42 28.35 -22.43 1.44
N LYS B 43 28.26 -23.57 0.75
CA LYS B 43 27.95 -23.54 -0.67
C LYS B 43 26.60 -22.96 -1.09
N GLU B 44 25.59 -23.18 -0.29
CA GLU B 44 24.27 -22.61 -0.55
C GLU B 44 24.27 -21.08 -0.42
N ILE B 45 24.94 -20.56 0.60
CA ILE B 45 25.14 -19.12 0.74
C ILE B 45 25.94 -18.53 -0.42
N GLN B 46 27.01 -19.21 -0.81
CA GLN B 46 27.78 -18.74 -1.93
C GLN B 46 26.94 -18.68 -3.21
N PHE B 47 26.12 -19.70 -3.43
CA PHE B 47 25.28 -19.74 -4.60
C PHE B 47 24.30 -18.50 -4.61
N LEU B 48 23.75 -18.12 -3.46
CA LEU B 48 22.83 -16.95 -3.40
C LEU B 48 23.58 -15.67 -3.73
N ILE B 49 24.84 -15.59 -3.28
CA ILE B 49 25.68 -14.45 -3.57
C ILE B 49 26.07 -14.42 -5.06
N ASP B 50 26.50 -15.55 -5.62
CA ASP B 50 26.81 -15.58 -7.04
C ASP B 50 25.58 -15.26 -7.94
N LEU B 51 24.41 -15.81 -7.59
CA LEU B 51 23.15 -15.48 -8.29
C LEU B 51 22.82 -13.97 -8.18
N SER B 52 23.07 -13.35 -7.01
CA SER B 52 22.83 -11.93 -6.85
C SER B 52 23.69 -11.15 -7.81
N ALA B 53 24.93 -11.54 -7.92
CA ALA B 53 25.78 -10.88 -8.89
C ALA B 53 25.31 -11.00 -10.35
N ASP B 54 24.91 -12.19 -10.78
CA ASP B 54 24.43 -12.42 -12.13
C ASP B 54 23.17 -11.60 -12.41
N LEU B 55 22.26 -11.57 -11.42
CA LEU B 55 21.02 -10.77 -11.55
C LEU B 55 21.29 -9.24 -11.63
N LYS B 56 22.24 -8.78 -10.85
CA LYS B 56 22.67 -7.40 -10.90
C LYS B 56 23.19 -7.04 -12.29
N LYS B 57 24.10 -7.88 -12.72
CA LYS B 57 24.66 -7.71 -14.11
C LYS B 57 23.59 -7.67 -15.22
N ALA B 58 22.64 -8.61 -15.18
CA ALA B 58 21.54 -8.64 -16.14
C ALA B 58 20.64 -7.38 -16.12
N LYS B 59 20.30 -6.91 -14.92
CA LYS B 59 19.50 -5.72 -14.81
C LYS B 59 20.20 -4.54 -15.47
N TYR B 60 21.47 -4.35 -15.16
CA TYR B 60 22.24 -3.26 -15.69
C TYR B 60 22.35 -3.38 -17.23
N ALA B 61 22.47 -4.61 -17.73
CA ALA B 61 22.65 -4.82 -19.19
C ALA B 61 21.35 -4.84 -19.93
N GLY B 62 20.22 -4.83 -19.23
CA GLY B 62 18.92 -4.87 -19.87
C GLY B 62 18.62 -6.24 -20.49
N THR B 63 19.22 -7.26 -19.94
CA THR B 63 19.00 -8.62 -20.37
C THR B 63 18.31 -9.43 -19.29
N GLU B 64 17.62 -8.78 -18.35
CA GLU B 64 17.13 -9.53 -17.26
C GLU B 64 15.99 -10.41 -17.71
N GLN B 65 16.02 -11.68 -17.35
CA GLN B 65 14.93 -12.57 -17.63
C GLN B 65 14.01 -12.68 -16.43
N LYS B 66 12.71 -12.55 -16.65
CA LYS B 66 11.72 -12.60 -15.56
C LYS B 66 11.40 -14.04 -15.19
N LYS B 67 11.78 -14.46 -14.01
CA LYS B 67 11.55 -15.82 -13.53
C LYS B 67 10.42 -15.90 -12.55
N LEU B 68 9.84 -14.75 -12.17
CA LEU B 68 8.71 -14.73 -11.23
C LEU B 68 7.46 -14.23 -11.93
N LEU B 69 7.45 -14.36 -13.26
CA LEU B 69 6.28 -13.91 -14.04
C LEU B 69 5.00 -14.59 -13.58
N GLY B 70 4.01 -13.81 -13.21
CA GLY B 70 2.79 -14.37 -12.76
C GLY B 70 2.72 -14.68 -11.28
N LYS B 71 3.80 -14.54 -10.56
CA LYS B 71 3.80 -14.90 -9.16
C LYS B 71 3.28 -13.72 -8.34
N ASN B 72 2.55 -14.05 -7.26
CA ASN B 72 2.10 -13.07 -6.33
C ASN B 72 2.71 -13.27 -4.94
N ILE B 73 3.27 -12.20 -4.39
CA ILE B 73 3.98 -12.22 -3.15
C ILE B 73 3.28 -11.29 -2.10
N ALA B 74 3.18 -11.78 -0.90
CA ALA B 74 2.72 -10.99 0.24
C ALA B 74 3.93 -10.50 1.02
N LEU B 75 3.95 -9.21 1.29
CA LEU B 75 5.02 -8.61 2.12
C LEU B 75 4.42 -8.16 3.45
N ILE B 76 4.63 -8.90 4.52
CA ILE B 76 4.08 -8.63 5.84
C ILE B 76 5.12 -7.91 6.67
N PHE B 77 4.84 -6.65 6.99
CA PHE B 77 5.69 -5.91 7.90
C PHE B 77 4.97 -5.57 9.21
N GLU B 78 5.24 -6.31 10.27
CA GLU B 78 4.74 -6.00 11.61
C GLU B 78 5.41 -4.77 12.16
N LYS B 79 6.65 -4.57 11.73
CA LYS B 79 7.44 -3.39 12.01
C LYS B 79 7.88 -2.80 10.69
N ALA B 80 7.84 -1.49 10.57
CA ALA B 80 8.14 -0.85 9.31
C ALA B 80 9.62 -0.78 9.00
N SER B 81 9.96 -1.09 7.76
CA SER B 81 11.30 -0.86 7.23
C SER B 81 11.15 -0.54 5.77
N THR B 82 11.20 0.74 5.47
CA THR B 82 11.06 1.18 4.12
C THR B 82 12.17 0.62 3.29
N ARG B 83 13.36 0.57 3.83
CA ARG B 83 14.52 0.09 3.03
C ARG B 83 14.32 -1.40 2.58
N THR B 84 13.99 -2.27 3.54
CA THR B 84 13.74 -3.67 3.23
C THR B 84 12.54 -3.86 2.33
N ARG B 85 11.47 -3.10 2.59
CA ARG B 85 10.33 -3.20 1.74
C ARG B 85 10.57 -2.79 0.27
N CYS B 86 11.26 -1.67 0.03
CA CYS B 86 11.52 -1.18 -1.27
C CYS B 86 12.39 -2.25 -2.02
N ALA B 87 13.35 -2.81 -1.27
CA ALA B 87 14.21 -3.88 -1.91
C ALA B 87 13.41 -5.07 -2.41
N PHE B 88 12.54 -5.62 -1.58
CA PHE B 88 11.58 -6.64 -1.98
C PHE B 88 10.64 -6.20 -3.12
N GLU B 89 10.06 -5.00 -3.06
CA GLU B 89 9.17 -4.58 -4.12
C GLU B 89 9.82 -4.41 -5.52
N VAL B 90 10.95 -3.73 -5.54
CA VAL B 90 11.69 -3.55 -6.79
C VAL B 90 12.16 -4.91 -7.35
N ALA B 91 12.71 -5.76 -6.49
CA ALA B 91 13.13 -7.05 -6.93
C ALA B 91 12.00 -7.84 -7.59
N ALA B 92 10.87 -7.88 -6.90
CA ALA B 92 9.74 -8.52 -7.43
C ALA B 92 9.25 -7.93 -8.74
N PHE B 93 9.16 -6.62 -8.84
CA PHE B 93 8.67 -5.97 -10.05
C PHE B 93 9.59 -6.33 -11.23
N ASP B 94 10.87 -6.21 -10.99
CA ASP B 94 11.88 -6.51 -12.03
C ASP B 94 11.74 -7.96 -12.57
N GLN B 95 11.34 -8.86 -11.72
CA GLN B 95 11.17 -10.27 -11.99
C GLN B 95 9.82 -10.75 -12.47
N GLY B 96 8.87 -9.82 -12.57
CA GLY B 96 7.60 -10.08 -13.16
C GLY B 96 6.49 -10.40 -12.17
N ALA B 97 6.77 -10.27 -10.89
CA ALA B 97 5.85 -10.62 -9.85
C ALA B 97 5.07 -9.39 -9.48
N GLN B 98 4.00 -9.62 -8.73
CA GLN B 98 3.25 -8.52 -8.12
C GLN B 98 3.22 -8.72 -6.63
N VAL B 99 2.93 -7.63 -5.86
CA VAL B 99 3.09 -7.65 -4.45
C VAL B 99 1.93 -7.01 -3.72
N THR B 100 1.63 -7.54 -2.54
CA THR B 100 0.60 -6.88 -1.62
C THR B 100 1.46 -6.54 -0.40
N TYR B 101 1.57 -5.26 -0.11
CA TYR B 101 2.29 -4.80 1.05
C TYR B 101 1.31 -4.66 2.19
N ILE B 102 1.57 -5.39 3.26
CA ILE B 102 0.72 -5.39 4.50
C ILE B 102 1.56 -4.78 5.59
N GLY B 103 1.29 -3.52 5.94
CA GLY B 103 2.11 -2.79 6.86
C GLY B 103 1.74 -3.00 8.32
N PRO B 104 2.43 -2.31 9.20
CA PRO B 104 2.01 -2.32 10.61
C PRO B 104 0.58 -1.82 10.82
N SER B 105 -0.24 -2.48 11.60
CA SER B 105 -1.69 -2.15 11.51
C SER B 105 -2.51 -2.15 12.79
N GLY B 106 -1.89 -2.41 13.93
CA GLY B 106 -2.62 -2.47 15.20
C GLY B 106 -3.20 -3.83 15.53
N SER B 107 -3.42 -4.61 14.50
CA SER B 107 -3.58 -6.03 14.68
C SER B 107 -2.24 -6.69 14.31
N GLN B 108 -1.44 -7.02 15.31
CA GLN B 108 -0.31 -7.96 15.20
C GLN B 108 -0.82 -9.41 15.01
N ILE B 109 -0.11 -10.21 14.22
CA ILE B 109 -0.54 -11.62 14.04
C ILE B 109 -0.51 -12.35 15.37
N GLY B 110 -1.58 -13.07 15.70
CA GLY B 110 -1.68 -13.77 16.98
C GLY B 110 -2.60 -13.04 17.91
N ASP B 111 -3.06 -11.85 17.54
CA ASP B 111 -4.11 -11.15 18.30
C ASP B 111 -5.50 -11.68 18.10
N LYS B 112 -5.97 -11.59 16.87
CA LYS B 112 -7.35 -11.98 16.51
C LYS B 112 -7.40 -13.30 15.84
N GLU B 113 -6.22 -13.77 15.41
CA GLU B 113 -6.10 -14.97 14.59
C GLU B 113 -4.71 -15.60 14.80
N SER B 114 -4.66 -16.90 15.00
CA SER B 114 -3.36 -17.57 15.13
C SER B 114 -2.51 -17.45 13.91
N MET B 115 -1.19 -17.51 14.11
CA MET B 115 -0.28 -17.57 13.02
C MET B 115 -0.52 -18.82 12.16
N LYS B 116 -0.91 -19.93 12.76
CA LYS B 116 -1.11 -21.17 11.98
C LYS B 116 -2.25 -20.98 10.95
N ASP B 117 -3.31 -20.32 11.41
CA ASP B 117 -4.44 -19.97 10.54
C ASP B 117 -4.11 -18.92 9.49
N THR B 118 -3.42 -17.86 9.87
CA THR B 118 -2.99 -16.84 8.93
C THR B 118 -2.12 -17.41 7.85
N ALA B 119 -1.17 -18.22 8.29
CA ALA B 119 -0.22 -18.84 7.36
C ALA B 119 -0.93 -19.70 6.35
N ARG B 120 -1.83 -20.52 6.80
CA ARG B 120 -2.55 -21.39 5.87
C ARG B 120 -3.43 -20.64 4.85
N VAL B 121 -4.03 -19.52 5.24
CA VAL B 121 -4.83 -18.69 4.33
C VAL B 121 -3.89 -17.99 3.34
N LEU B 122 -2.79 -17.39 3.82
CA LEU B 122 -1.93 -16.62 2.95
C LEU B 122 -1.33 -17.57 1.92
N GLY B 123 -0.97 -18.76 2.38
CA GLY B 123 -0.34 -19.80 1.51
C GLY B 123 -1.24 -20.34 0.43
N ARG B 124 -2.58 -20.27 0.64
CA ARG B 124 -3.53 -20.58 -0.40
C ARG B 124 -3.57 -19.51 -1.47
N MET B 125 -3.32 -18.26 -1.11
CA MET B 125 -3.46 -17.13 -2.08
C MET B 125 -2.20 -16.71 -2.80
N TYR B 126 -1.10 -16.67 -2.07
CA TYR B 126 0.16 -16.14 -2.54
C TYR B 126 1.13 -17.28 -2.89
N ASP B 127 2.10 -16.95 -3.71
CA ASP B 127 3.18 -17.90 -4.12
C ASP B 127 4.40 -17.82 -3.20
N GLY B 128 4.56 -16.69 -2.48
CA GLY B 128 5.64 -16.50 -1.53
C GLY B 128 5.32 -15.40 -0.55
N ILE B 129 5.92 -15.43 0.60
CA ILE B 129 5.58 -14.50 1.70
C ILE B 129 6.84 -13.99 2.37
N GLN B 130 7.02 -12.68 2.42
CA GLN B 130 8.01 -12.11 3.26
C GLN B 130 7.38 -11.74 4.61
N TYR B 131 8.15 -11.90 5.66
CA TYR B 131 7.74 -11.48 7.04
C TYR B 131 8.84 -10.72 7.71
N ARG B 132 8.51 -9.53 8.23
CA ARG B 132 9.40 -8.80 9.07
C ARG B 132 8.69 -8.45 10.35
N GLY B 133 9.31 -8.72 11.44
CA GLY B 133 8.58 -8.57 12.66
C GLY B 133 9.46 -8.82 13.85
N PHE B 134 8.89 -9.58 14.75
CA PHE B 134 9.37 -9.67 16.11
C PHE B 134 10.22 -10.93 16.27
N GLY B 135 9.76 -11.88 17.07
CA GLY B 135 10.61 -13.02 17.36
C GLY B 135 10.88 -13.89 16.16
N GLN B 136 12.04 -14.54 16.16
CA GLN B 136 12.36 -15.61 15.16
C GLN B 136 11.30 -16.74 15.22
N ALA B 137 10.78 -17.06 16.41
CA ALA B 137 9.74 -18.11 16.52
C ALA B 137 8.53 -17.91 15.66
N ILE B 138 8.13 -16.65 15.46
CA ILE B 138 6.95 -16.34 14.67
C ILE B 138 7.19 -16.65 13.20
N VAL B 139 8.32 -16.20 12.68
CA VAL B 139 8.61 -16.46 11.31
C VAL B 139 8.87 -17.97 11.04
N GLU B 140 9.43 -18.67 12.02
CA GLU B 140 9.59 -20.13 11.88
C GLU B 140 8.23 -20.84 11.81
N GLU B 141 7.23 -20.35 12.58
CA GLU B 141 5.92 -20.94 12.51
C GLU B 141 5.23 -20.67 11.17
N LEU B 142 5.36 -19.44 10.69
CA LEU B 142 4.93 -19.11 9.39
C LEU B 142 5.57 -20.00 8.34
N GLY B 143 6.87 -20.15 8.44
CA GLY B 143 7.58 -20.98 7.49
C GLY B 143 7.19 -22.46 7.58
N ALA B 144 6.76 -22.95 8.74
CA ALA B 144 6.27 -24.34 8.88
C ALA B 144 4.89 -24.59 8.29
N PHE B 145 3.98 -23.58 8.34
CA PHE B 145 2.60 -23.77 7.95
C PHE B 145 2.12 -23.16 6.63
N ALA B 146 2.89 -22.27 6.03
CA ALA B 146 2.38 -21.51 4.89
C ALA B 146 2.23 -22.40 3.65
N GLY B 147 3.08 -23.37 3.54
CA GLY B 147 3.14 -24.23 2.34
C GLY B 147 3.79 -23.60 1.11
N VAL B 148 4.41 -22.44 1.27
CA VAL B 148 5.07 -21.73 0.18
C VAL B 148 6.30 -21.14 0.80
N PRO B 149 7.24 -20.69 -0.04
CA PRO B 149 8.43 -20.10 0.55
C PRO B 149 8.16 -18.86 1.42
N VAL B 150 8.80 -18.83 2.56
CA VAL B 150 8.76 -17.72 3.50
C VAL B 150 10.15 -17.15 3.73
N TRP B 151 10.28 -15.83 3.63
CA TRP B 151 11.54 -15.13 3.72
C TRP B 151 11.53 -14.17 4.90
N ASN B 152 12.57 -14.22 5.71
CA ASN B 152 12.72 -13.34 6.83
C ASN B 152 13.39 -12.01 6.45
N GLY B 153 12.63 -10.92 6.45
CA GLY B 153 13.21 -9.60 6.22
C GLY B 153 13.79 -8.86 7.43
N LEU B 154 13.75 -9.50 8.58
CA LEU B 154 14.30 -9.06 9.86
C LEU B 154 13.40 -9.58 11.01
N THR B 155 14.06 -10.20 11.99
CA THR B 155 13.45 -10.54 13.29
C THR B 155 14.31 -9.92 14.40
N ASP B 156 13.87 -10.04 15.64
CA ASP B 156 14.73 -9.65 16.78
C ASP B 156 16.19 -10.24 16.71
N GLU B 157 16.26 -11.50 16.37
CA GLU B 157 17.49 -12.26 16.43
C GLU B 157 18.40 -12.20 15.19
N PHE B 158 17.82 -12.19 14.00
CA PHE B 158 18.59 -12.25 12.76
C PHE B 158 18.15 -11.32 11.67
N HIS B 159 19.13 -10.92 10.83
CA HIS B 159 18.85 -10.04 9.68
C HIS B 159 19.52 -10.61 8.47
N PRO B 160 19.07 -11.77 8.02
CA PRO B 160 19.96 -12.50 7.03
C PRO B 160 20.07 -11.81 5.66
N THR B 161 19.08 -11.08 5.20
CA THR B 161 19.11 -10.41 3.90
C THR B 161 20.14 -9.29 3.90
N GLN B 162 20.28 -8.60 5.01
CA GLN B 162 21.27 -7.57 5.13
C GLN B 162 22.70 -8.14 4.90
N ILE B 163 22.98 -9.27 5.53
CA ILE B 163 24.32 -9.87 5.51
C ILE B 163 24.64 -10.41 4.09
N LEU B 164 23.66 -10.93 3.37
CA LEU B 164 23.92 -11.29 1.94
C LEU B 164 24.36 -10.08 1.16
N ALA B 165 23.64 -8.95 1.34
CA ALA B 165 24.00 -7.70 0.65
C ALA B 165 25.38 -7.26 1.04
N ASP B 166 25.68 -7.31 2.33
CA ASP B 166 27.02 -6.98 2.84
C ASP B 166 28.13 -7.88 2.19
N PHE B 167 27.90 -9.18 2.10
CA PHE B 167 28.88 -10.08 1.53
C PHE B 167 29.10 -9.90 0.04
N LEU B 168 28.00 -9.66 -0.71
CA LEU B 168 28.15 -9.29 -2.14
C LEU B 168 28.99 -8.01 -2.29
N THR B 169 28.69 -7.02 -1.42
CA THR B 169 29.39 -5.79 -1.46
C THR B 169 30.90 -5.95 -1.17
N MET B 170 31.23 -6.77 -0.18
CA MET B 170 32.61 -7.08 0.13
C MET B 170 33.35 -7.70 -1.05
N LEU B 171 32.73 -8.69 -1.69
CA LEU B 171 33.32 -9.37 -2.86
C LEU B 171 33.53 -8.38 -4.02
N GLU B 172 32.61 -7.43 -4.21
CA GLU B 172 32.76 -6.45 -5.27
C GLU B 172 33.89 -5.46 -5.04
N HIS B 173 34.18 -5.19 -3.78
CA HIS B 173 35.20 -4.25 -3.45
C HIS B 173 36.50 -4.87 -2.93
N SER B 174 36.77 -6.14 -3.16
CA SER B 174 37.94 -6.72 -2.49
C SER B 174 39.03 -7.25 -3.50
N GLN B 175 38.84 -6.95 -4.79
CA GLN B 175 39.91 -7.11 -5.77
C GLN B 175 40.36 -8.55 -5.78
N GLY B 176 39.49 -9.43 -6.26
CA GLY B 176 39.82 -10.85 -6.42
C GLY B 176 39.79 -11.75 -5.18
N LYS B 177 39.78 -11.17 -3.98
CA LYS B 177 39.72 -11.99 -2.77
C LYS B 177 38.35 -12.66 -2.56
N ALA B 178 38.39 -13.93 -2.16
CA ALA B 178 37.19 -14.68 -1.81
C ALA B 178 36.81 -14.37 -0.37
N LEU B 179 35.56 -14.68 0.01
CA LEU B 179 35.13 -14.35 1.38
C LEU B 179 36.08 -14.96 2.42
N ALA B 180 36.56 -16.18 2.17
CA ALA B 180 37.32 -16.88 3.17
C ALA B 180 38.68 -16.18 3.37
N ASP B 181 39.08 -15.33 2.43
CA ASP B 181 40.33 -14.55 2.57
C ASP B 181 40.13 -13.18 3.19
N ILE B 182 38.89 -12.80 3.53
CA ILE B 182 38.59 -11.44 3.99
C ILE B 182 38.63 -11.35 5.52
N GLN B 183 39.10 -10.19 6.04
CA GLN B 183 39.13 -9.90 7.47
C GLN B 183 38.35 -8.65 7.68
N PHE B 184 37.42 -8.63 8.64
CA PHE B 184 36.66 -7.38 8.91
C PHE B 184 36.31 -7.23 10.37
N ALA B 185 36.05 -5.96 10.77
CA ALA B 185 35.72 -5.64 12.16
C ALA B 185 34.37 -4.91 12.17
N TYR B 186 33.53 -5.32 13.14
CA TYR B 186 32.24 -4.66 13.45
C TYR B 186 32.40 -3.91 14.77
N LEU B 187 32.15 -2.62 14.73
CA LEU B 187 32.44 -1.73 15.84
C LEU B 187 31.13 -1.26 16.51
N GLY B 188 31.13 -1.37 17.82
CA GLY B 188 30.08 -0.80 18.66
C GLY B 188 29.20 -1.86 19.34
N ASP B 189 27.91 -1.77 19.11
CA ASP B 189 26.90 -2.66 19.74
C ASP B 189 26.64 -3.85 18.84
N ALA B 190 27.22 -5.00 19.18
CA ALA B 190 27.05 -6.21 18.38
C ALA B 190 25.91 -7.13 18.85
N ARG B 191 25.21 -6.76 19.91
CA ARG B 191 24.23 -7.65 20.56
C ARG B 191 22.82 -7.41 20.01
N ASN B 192 22.61 -7.89 18.81
CA ASN B 192 21.42 -7.56 18.04
C ASN B 192 21.46 -8.34 16.70
N ASN B 193 20.40 -8.22 15.93
CA ASN B 193 20.26 -9.02 14.70
C ASN B 193 21.39 -8.88 13.73
N VAL B 194 21.85 -7.68 13.48
CA VAL B 194 22.89 -7.47 12.47
C VAL B 194 24.22 -8.03 12.94
N GLY B 195 24.58 -7.77 14.19
CA GLY B 195 25.78 -8.41 14.79
C GLY B 195 25.77 -9.93 14.78
N ASN B 196 24.65 -10.49 15.20
CA ASN B 196 24.41 -11.89 15.20
C ASN B 196 24.59 -12.44 13.79
N SER B 197 23.91 -11.83 12.82
CA SER B 197 23.99 -12.36 11.42
C SER B 197 25.38 -12.22 10.82
N LEU B 198 26.07 -11.15 11.12
CA LEU B 198 27.43 -10.97 10.59
C LEU B 198 28.35 -12.05 11.12
N MET B 199 28.19 -12.39 12.40
CA MET B 199 28.97 -13.43 13.01
C MET B 199 28.65 -14.80 12.42
N VAL B 200 27.34 -15.13 12.32
CA VAL B 200 26.94 -16.42 11.68
C VAL B 200 27.48 -16.49 10.27
N GLY B 201 27.31 -15.42 9.51
CA GLY B 201 27.78 -15.44 8.10
C GLY B 201 29.26 -15.60 7.99
N ALA B 202 30.01 -14.85 8.81
CA ALA B 202 31.48 -14.92 8.81
C ALA B 202 31.94 -16.36 9.10
N ALA B 203 31.30 -16.98 10.10
CA ALA B 203 31.59 -18.35 10.47
C ALA B 203 31.28 -19.33 9.34
N LYS B 204 30.09 -19.26 8.77
CA LYS B 204 29.73 -20.08 7.64
C LYS B 204 30.67 -19.92 6.44
N MET B 205 31.12 -18.70 6.17
CA MET B 205 31.89 -18.49 4.95
C MET B 205 33.38 -18.52 5.20
N GLY B 206 33.79 -18.84 6.41
CA GLY B 206 35.26 -19.00 6.69
C GLY B 206 36.05 -17.71 6.86
N MET B 207 35.37 -16.62 7.19
CA MET B 207 36.00 -15.33 7.25
C MET B 207 36.60 -15.10 8.62
N ASP B 208 37.38 -14.04 8.73
CA ASP B 208 37.98 -13.60 9.98
C ASP B 208 37.18 -12.33 10.42
N ILE B 209 36.38 -12.47 11.47
CA ILE B 209 35.56 -11.36 11.96
C ILE B 209 36.05 -10.97 13.34
N ARG B 210 36.16 -9.66 13.59
CA ARG B 210 36.42 -9.12 14.95
C ARG B 210 35.22 -8.29 15.39
N LEU B 211 34.66 -8.64 16.52
CA LEU B 211 33.57 -7.83 17.15
C LEU B 211 34.24 -6.96 18.19
N VAL B 212 34.21 -5.66 17.94
CA VAL B 212 35.01 -4.66 18.66
C VAL B 212 34.05 -3.70 19.38
N GLY B 213 33.98 -3.83 20.69
CA GLY B 213 33.00 -3.11 21.47
C GLY B 213 33.09 -3.43 22.94
N PRO B 214 32.31 -2.72 23.77
CA PRO B 214 32.27 -3.10 25.17
C PRO B 214 31.73 -4.52 25.33
N GLN B 215 32.32 -5.27 26.25
CA GLN B 215 32.01 -6.70 26.47
C GLN B 215 30.52 -6.95 26.70
N ALA B 216 29.84 -6.04 27.38
CA ALA B 216 28.39 -6.19 27.61
C ALA B 216 27.54 -6.22 26.35
N TYR B 217 28.12 -5.74 25.25
CA TYR B 217 27.41 -5.62 23.98
C TYR B 217 28.02 -6.54 22.93
N TRP B 218 28.72 -7.57 23.38
CA TRP B 218 29.08 -8.66 22.48
C TRP B 218 27.84 -9.55 22.24
N PRO B 219 27.86 -10.35 21.16
CA PRO B 219 26.67 -11.17 20.90
C PRO B 219 26.47 -12.20 21.98
N ASP B 220 25.22 -12.62 22.09
CA ASP B 220 24.81 -13.71 22.98
C ASP B 220 25.86 -14.84 23.04
N GLU B 221 26.25 -15.23 24.25
CA GLU B 221 27.36 -16.15 24.46
C GLU B 221 27.07 -17.55 23.86
N GLU B 222 25.81 -18.00 23.90
CA GLU B 222 25.47 -19.30 23.29
C GLU B 222 25.60 -19.25 21.77
N LEU B 223 25.23 -18.13 21.15
CA LEU B 223 25.43 -18.01 19.69
C LEU B 223 26.89 -17.97 19.31
N VAL B 224 27.68 -17.25 20.12
CA VAL B 224 29.12 -17.13 19.89
C VAL B 224 29.75 -18.54 19.90
N ALA B 225 29.38 -19.34 20.88
CA ALA B 225 29.87 -20.73 20.98
C ALA B 225 29.48 -21.50 19.75
N ALA B 226 28.22 -21.34 19.33
CA ALA B 226 27.76 -22.07 18.15
C ALA B 226 28.55 -21.66 16.90
N CYS B 227 28.81 -20.36 16.79
CA CYS B 227 29.58 -19.85 15.65
C CYS B 227 31.06 -20.27 15.66
N GLN B 228 31.65 -20.34 16.86
CA GLN B 228 33.04 -20.83 17.01
C GLN B 228 33.15 -22.29 16.50
N ALA B 229 32.16 -23.12 16.82
CA ALA B 229 32.13 -24.50 16.34
C ALA B 229 32.01 -24.53 14.81
N ILE B 230 31.18 -23.65 14.24
CA ILE B 230 31.08 -23.60 12.78
C ILE B 230 32.39 -23.13 12.16
N ALA B 231 32.95 -22.09 12.73
CA ALA B 231 34.21 -21.48 12.24
C ALA B 231 35.36 -22.49 12.25
N LYS B 232 35.37 -23.36 13.26
CA LYS B 232 36.41 -24.38 13.40
C LYS B 232 36.35 -25.33 12.21
N GLN B 233 35.15 -25.59 11.68
CA GLN B 233 34.98 -26.41 10.47
C GLN B 233 35.30 -25.72 9.16
N THR B 234 35.07 -24.41 9.06
CA THR B 234 35.27 -23.68 7.81
C THR B 234 36.63 -22.99 7.61
N GLY B 235 37.49 -22.95 8.63
CA GLY B 235 38.70 -22.15 8.61
C GLY B 235 38.47 -20.69 9.01
N GLY B 236 37.31 -20.37 9.56
CA GLY B 236 37.02 -18.97 9.94
C GLY B 236 37.61 -18.64 11.29
N LYS B 237 37.48 -17.38 11.69
CA LYS B 237 37.93 -16.98 13.01
C LYS B 237 36.99 -15.88 13.54
N ILE B 238 36.68 -15.97 14.83
CA ILE B 238 35.86 -15.00 15.54
C ILE B 238 36.63 -14.48 16.75
N THR B 239 36.84 -13.17 16.81
CA THR B 239 37.56 -12.53 17.91
C THR B 239 36.67 -11.48 18.52
N LEU B 240 36.58 -11.50 19.83
CA LEU B 240 35.80 -10.49 20.53
C LEU B 240 36.73 -9.71 21.37
N THR B 241 36.72 -8.39 21.23
CA THR B 241 37.69 -7.56 21.96
C THR B 241 37.14 -6.15 22.28
N GLU B 242 37.59 -5.61 23.39
CA GLU B 242 37.32 -4.20 23.75
C GLU B 242 38.36 -3.25 23.17
N ASN B 243 39.41 -3.82 22.58
CA ASN B 243 40.54 -3.05 22.10
C ASN B 243 40.44 -2.75 20.61
N VAL B 244 40.32 -1.46 20.28
CA VAL B 244 40.10 -1.03 18.89
C VAL B 244 41.32 -1.31 18.02
N ALA B 245 42.49 -0.91 18.47
CA ALA B 245 43.72 -1.04 17.65
C ALA B 245 44.00 -2.47 17.26
N GLU B 246 43.87 -3.36 18.23
CA GLU B 246 44.04 -4.78 17.95
C GLU B 246 42.90 -5.33 17.10
N GLY B 247 41.68 -4.93 17.39
CA GLY B 247 40.51 -5.42 16.63
C GLY B 247 40.55 -5.08 15.16
N VAL B 248 41.03 -3.88 14.83
CA VAL B 248 40.97 -3.40 13.41
C VAL B 248 42.21 -3.69 12.57
N GLN B 249 43.28 -4.10 13.23
CA GLN B 249 44.56 -4.22 12.56
C GLN B 249 44.42 -5.21 11.40
N GLY B 250 44.83 -4.82 10.21
CA GLY B 250 44.76 -5.70 9.02
C GLY B 250 43.40 -5.83 8.34
N CYS B 251 42.36 -5.12 8.83
CA CYS B 251 41.04 -5.30 8.26
C CYS B 251 40.82 -4.75 6.84
N ASP B 252 40.10 -5.52 6.03
CA ASP B 252 39.72 -5.13 4.67
C ASP B 252 38.49 -4.21 4.74
N PHE B 253 37.69 -4.43 5.76
CA PHE B 253 36.42 -3.67 5.92
C PHE B 253 36.22 -3.31 7.39
N LEU B 254 35.63 -2.14 7.62
CA LEU B 254 35.17 -1.74 8.95
C LEU B 254 33.67 -1.47 8.85
N TYR B 255 32.90 -2.02 9.78
CA TYR B 255 31.45 -1.98 9.72
C TYR B 255 30.98 -1.43 11.03
N THR B 256 29.99 -0.54 11.01
CA THR B 256 29.32 -0.17 12.24
C THR B 256 27.81 0.05 12.01
N ASP B 257 27.14 0.36 13.10
CA ASP B 257 25.69 0.65 13.05
C ASP B 257 25.41 1.57 14.24
N VAL B 258 24.20 2.15 14.22
CA VAL B 258 23.85 3.16 15.23
C VAL B 258 23.88 2.41 16.57
N TRP B 259 24.41 3.01 17.59
CA TRP B 259 24.40 2.29 18.88
C TRP B 259 23.36 2.74 19.91
N VAL B 260 22.56 3.75 19.60
CA VAL B 260 21.56 4.34 20.57
C VAL B 260 20.22 3.70 20.26
N TRP B 269 20.14 8.66 26.54
CA TRP B 269 21.25 8.14 25.74
C TRP B 269 22.65 8.48 26.26
N ASP B 270 22.76 9.26 27.34
CA ASP B 270 24.06 9.74 27.86
C ASP B 270 25.01 8.63 28.29
N GLU B 271 24.46 7.61 28.93
CA GLU B 271 25.27 6.47 29.39
C GLU B 271 25.75 5.63 28.21
N ARG B 272 24.84 5.39 27.28
CA ARG B 272 25.24 4.62 26.12
C ARG B 272 26.31 5.35 25.27
N VAL B 273 26.17 6.67 25.13
CA VAL B 273 27.12 7.43 24.30
C VAL B 273 28.53 7.39 24.89
N ALA B 274 28.64 7.62 26.20
CA ALA B 274 29.96 7.60 26.83
C ALA B 274 30.58 6.21 26.72
N LEU B 275 29.75 5.20 26.92
CA LEU B 275 30.20 3.81 26.74
C LEU B 275 30.70 3.51 25.31
N MET B 276 29.93 3.96 24.32
CA MET B 276 30.23 3.60 22.90
C MET B 276 31.18 4.53 22.16
N LYS B 277 31.36 5.73 22.67
CA LYS B 277 32.15 6.73 22.01
C LYS B 277 33.57 6.26 21.60
N PRO B 278 34.21 5.43 22.41
CA PRO B 278 35.55 5.00 22.00
C PRO B 278 35.54 4.16 20.71
N TYR B 279 34.37 3.69 20.32
CA TYR B 279 34.26 2.77 19.17
C TYR B 279 33.77 3.45 17.89
N GLN B 280 33.65 4.79 17.93
CA GLN B 280 33.37 5.57 16.74
C GLN B 280 34.37 5.23 15.58
N VAL B 281 33.82 5.11 14.39
CA VAL B 281 34.68 4.96 13.21
C VAL B 281 35.02 6.35 12.71
N ASN B 282 36.29 6.73 12.88
CA ASN B 282 36.80 8.01 12.37
C ASN B 282 38.07 7.72 11.55
N MET B 283 38.69 8.75 11.00
CA MET B 283 39.84 8.56 10.09
C MET B 283 40.99 7.93 10.84
N ASN B 284 41.04 8.16 12.13
CA ASN B 284 42.08 7.51 12.91
C ASN B 284 41.95 5.97 12.99
N VAL B 285 40.71 5.49 13.07
CA VAL B 285 40.46 4.05 13.10
C VAL B 285 40.84 3.47 11.73
N LEU B 286 40.46 4.15 10.68
CA LEU B 286 40.90 3.77 9.32
C LEU B 286 42.42 3.62 9.25
N LYS B 287 43.13 4.63 9.74
CA LYS B 287 44.59 4.58 9.82
C LYS B 287 45.15 3.38 10.64
N GLN B 288 44.52 3.04 11.74
CA GLN B 288 44.94 1.90 12.61
C GLN B 288 44.83 0.54 11.94
N THR B 289 44.04 0.43 10.89
CA THR B 289 44.02 -0.82 10.12
C THR B 289 45.37 -1.11 9.45
N GLY B 290 46.13 -0.07 9.18
CA GLY B 290 47.35 -0.17 8.35
C GLY B 290 47.10 -0.54 6.89
N ASN B 291 45.86 -0.45 6.43
CA ASN B 291 45.48 -0.90 5.11
C ASN B 291 45.01 0.25 4.23
N PRO B 292 45.82 0.62 3.23
CA PRO B 292 45.45 1.72 2.33
C PRO B 292 44.08 1.55 1.60
N ASN B 293 43.65 0.31 1.46
CA ASN B 293 42.46 -0.03 0.74
C ASN B 293 41.27 -0.39 1.60
N VAL B 294 41.36 -0.11 2.89
CA VAL B 294 40.27 -0.40 3.82
C VAL B 294 38.97 0.31 3.32
N LYS B 295 37.85 -0.38 3.39
CA LYS B 295 36.53 0.20 3.08
C LYS B 295 35.59 0.24 4.28
N PHE B 296 34.67 1.21 4.27
CA PHE B 296 33.75 1.44 5.37
C PHE B 296 32.32 1.03 4.94
N MET B 297 31.69 0.27 5.80
CA MET B 297 30.34 -0.23 5.62
C MET B 297 29.46 0.13 6.80
N HIS B 298 28.17 0.24 6.52
CA HIS B 298 27.19 0.59 7.55
C HIS B 298 25.86 0.14 7.01
N CYS B 299 25.04 -0.56 7.83
CA CYS B 299 23.77 -1.03 7.31
C CYS B 299 22.72 0.07 7.08
N LEU B 300 22.88 1.26 7.72
CA LEU B 300 21.98 2.44 7.55
C LEU B 300 20.65 2.23 8.25
N PRO B 301 19.97 3.32 8.68
CA PRO B 301 20.49 4.67 8.57
C PRO B 301 21.61 4.97 9.56
N ALA B 302 22.37 6.03 9.30
CA ALA B 302 23.55 6.36 10.06
C ALA B 302 23.49 7.77 10.62
N PHE B 303 24.02 7.94 11.82
CA PHE B 303 24.15 9.29 12.42
C PHE B 303 25.58 9.72 12.21
N HIS B 304 25.83 10.37 11.08
CA HIS B 304 27.14 10.85 10.76
C HIS B 304 27.35 12.36 10.75
N ASN B 305 26.33 13.12 11.04
CA ASN B 305 26.44 14.59 11.00
C ASN B 305 25.24 15.21 11.76
N ASP B 306 25.02 16.50 11.56
CA ASP B 306 23.85 17.20 12.17
C ASP B 306 22.67 17.50 11.24
N GLU B 307 22.56 16.76 10.16
CA GLU B 307 21.49 16.96 9.18
C GLU B 307 20.27 16.09 9.45
N THR B 308 20.20 15.57 10.67
CA THR B 308 19.00 14.94 11.19
C THR B 308 18.63 15.59 12.55
N THR B 309 17.35 15.56 12.88
CA THR B 309 16.87 16.09 14.17
C THR B 309 17.47 15.31 15.33
N ILE B 310 17.36 13.99 15.28
CA ILE B 310 17.81 13.12 16.38
C ILE B 310 19.33 13.13 16.51
N GLY B 311 19.98 12.98 15.36
CA GLY B 311 21.44 12.91 15.29
C GLY B 311 22.07 14.18 15.80
N LYS B 312 21.53 15.32 15.38
CA LYS B 312 22.08 16.58 15.80
C LYS B 312 21.86 16.86 17.31
N GLN B 313 20.62 16.69 17.79
CA GLN B 313 20.32 16.88 19.22
C GLN B 313 21.31 16.13 20.09
N VAL B 314 21.49 14.83 19.79
CA VAL B 314 22.28 13.93 20.64
C VAL B 314 23.76 14.26 20.55
N ALA B 315 24.25 14.34 19.32
CA ALA B 315 25.60 14.81 19.08
C ALA B 315 25.86 16.19 19.76
N ASP B 316 24.96 17.16 19.63
CA ASP B 316 25.13 18.52 20.27
C ASP B 316 25.24 18.54 21.82
N LYS B 317 24.31 17.86 22.48
CA LYS B 317 24.36 17.63 23.94
C LYS B 317 25.70 17.05 24.34
N PHE B 318 26.35 16.29 23.44
CA PHE B 318 27.62 15.61 23.73
C PHE B 318 28.81 16.22 23.01
N GLY B 319 28.60 17.36 22.34
CA GLY B 319 29.69 18.05 21.63
C GLY B 319 30.31 17.36 20.42
N MET B 320 29.60 16.43 19.79
CA MET B 320 30.16 15.58 18.72
C MET B 320 29.46 15.86 17.40
N LYS B 321 30.18 15.81 16.29
CA LYS B 321 29.58 15.89 14.94
C LYS B 321 29.55 14.45 14.38
N GLY B 322 28.40 13.80 14.52
CA GLY B 322 28.25 12.40 14.16
C GLY B 322 28.60 11.47 15.31
N LEU B 323 27.96 10.31 15.33
CA LEU B 323 28.08 9.38 16.45
C LEU B 323 28.97 8.16 16.13
N GLU B 324 28.37 7.12 15.57
CA GLU B 324 29.07 5.88 15.33
C GLU B 324 30.09 6.01 14.19
N VAL B 325 29.92 6.99 13.35
CA VAL B 325 30.92 7.29 12.26
C VAL B 325 30.92 8.81 12.01
N THR B 326 32.03 9.35 11.55
CA THR B 326 32.17 10.78 11.27
C THR B 326 31.79 11.10 9.84
N GLU B 327 31.37 12.34 9.61
CA GLU B 327 31.09 12.77 8.26
C GLU B 327 32.28 12.49 7.32
N GLU B 328 33.47 12.79 7.78
CA GLU B 328 34.67 12.58 6.94
C GLU B 328 34.83 11.16 6.43
N VAL B 329 34.61 10.20 7.29
CA VAL B 329 34.66 8.80 6.84
C VAL B 329 33.47 8.41 5.93
N PHE B 330 32.27 8.75 6.36
CA PHE B 330 31.03 8.36 5.69
C PHE B 330 30.97 8.83 4.25
N GLU B 331 31.46 10.04 4.00
CA GLU B 331 31.48 10.65 2.66
C GLU B 331 32.81 10.43 1.92
N SER B 332 33.79 9.81 2.56
CA SER B 332 35.06 9.52 1.89
C SER B 332 34.97 8.51 0.76
N GLU B 333 36.02 8.46 -0.02
CA GLU B 333 36.14 7.45 -1.04
C GLU B 333 36.31 6.05 -0.44
N HIS B 334 36.59 5.93 0.84
CA HIS B 334 36.60 4.61 1.50
C HIS B 334 35.18 4.02 1.77
N SER B 335 34.18 4.85 1.68
CA SER B 335 32.82 4.47 2.09
C SER B 335 32.13 3.79 0.93
N ILE B 336 31.55 2.63 1.20
CA ILE B 336 30.82 1.90 0.19
C ILE B 336 29.34 1.68 0.60
N VAL B 337 28.86 2.51 1.49
CA VAL B 337 27.55 2.31 2.05
C VAL B 337 26.40 2.38 1.07
N PHE B 338 26.51 3.17 0.02
CA PHE B 338 25.43 3.25 -0.97
C PHE B 338 25.41 2.09 -1.96
N ASP B 339 26.60 1.56 -2.31
CA ASP B 339 26.66 0.26 -3.00
C ASP B 339 26.01 -0.88 -2.17
N GLU B 340 26.33 -0.89 -0.88
CA GLU B 340 25.82 -1.86 0.06
C GLU B 340 24.29 -1.72 0.14
N ALA B 341 23.79 -0.50 0.23
CA ALA B 341 22.32 -0.28 0.19
C ALA B 341 21.61 -0.75 -1.09
N GLU B 342 22.20 -0.43 -2.25
CA GLU B 342 21.70 -0.94 -3.51
C GLU B 342 21.66 -2.49 -3.55
N ASN B 343 22.73 -3.13 -3.05
CA ASN B 343 22.83 -4.55 -3.04
C ASN B 343 21.80 -5.30 -2.16
N ARG B 344 21.11 -4.56 -1.31
CA ARG B 344 19.91 -5.10 -0.63
C ARG B 344 18.96 -5.68 -1.66
N MET B 345 18.73 -4.98 -2.74
CA MET B 345 17.74 -5.38 -3.75
C MET B 345 18.22 -6.64 -4.55
N HIS B 346 19.44 -6.58 -5.01
CA HIS B 346 19.96 -7.70 -5.81
C HIS B 346 19.93 -8.99 -5.04
N THR B 347 20.30 -8.92 -3.77
CA THR B 347 20.37 -10.13 -2.97
C THR B 347 18.97 -10.69 -2.54
N ILE B 348 18.02 -9.78 -2.20
CA ILE B 348 16.62 -10.22 -2.04
C ILE B 348 16.08 -10.84 -3.32
N LYS B 349 16.43 -10.28 -4.46
CA LYS B 349 16.00 -10.82 -5.71
C LYS B 349 16.53 -12.27 -5.86
N ALA B 350 17.77 -12.48 -5.49
CA ALA B 350 18.35 -13.83 -5.56
C ALA B 350 17.65 -14.79 -4.68
N VAL B 351 17.32 -14.36 -3.46
CA VAL B 351 16.61 -15.23 -2.56
C VAL B 351 15.24 -15.67 -3.18
N MET B 352 14.46 -14.70 -3.69
CA MET B 352 13.20 -15.03 -4.32
C MET B 352 13.33 -15.90 -5.59
N VAL B 353 14.35 -15.58 -6.39
CA VAL B 353 14.55 -16.35 -7.68
C VAL B 353 14.93 -17.81 -7.38
N ALA B 354 15.82 -17.97 -6.44
CA ALA B 354 16.32 -19.26 -6.07
C ALA B 354 15.24 -20.16 -5.51
N THR B 355 14.34 -19.57 -4.68
CA THR B 355 13.39 -20.36 -3.99
C THR B 355 12.03 -20.48 -4.71
N LEU B 356 11.66 -19.49 -5.50
CA LEU B 356 10.37 -19.52 -6.16
C LEU B 356 10.47 -19.41 -7.68
N GLY B 357 11.67 -19.16 -8.21
CA GLY B 357 11.86 -18.88 -9.62
C GLY B 357 11.52 -20.07 -10.46
N SER B 358 10.93 -19.77 -11.61
CA SER B 358 10.43 -20.77 -12.58
C SER B 358 11.05 -20.39 -13.90
N MET C 25 -26.42 -14.34 -20.23
CA MET C 25 -26.14 -14.29 -18.75
C MET C 25 -24.88 -13.46 -18.49
N ALA C 26 -23.83 -13.83 -19.22
CA ALA C 26 -22.55 -13.15 -19.20
C ALA C 26 -22.76 -11.73 -19.71
N PHE C 27 -23.54 -11.61 -20.77
CA PHE C 27 -23.81 -10.27 -21.30
C PHE C 27 -24.63 -9.39 -20.33
N ASN C 28 -25.57 -9.99 -19.59
CA ASN C 28 -26.41 -9.32 -18.54
C ASN C 28 -25.63 -8.71 -17.40
N LEU C 29 -24.50 -9.32 -17.10
CA LEU C 29 -23.60 -8.90 -15.98
C LEU C 29 -22.62 -7.80 -16.31
N ARG C 30 -22.36 -7.59 -17.59
CA ARG C 30 -21.35 -6.57 -18.02
C ARG C 30 -21.67 -5.18 -17.47
N ASN C 31 -20.68 -4.53 -16.91
CA ASN C 31 -20.80 -3.18 -16.29
CA ASN C 31 -20.78 -3.19 -16.29
C ASN C 31 -21.69 -3.02 -15.05
N ARG C 32 -22.18 -4.11 -14.49
CA ARG C 32 -23.02 -4.10 -13.27
C ARG C 32 -22.19 -3.88 -12.04
N ASN C 33 -22.78 -3.28 -11.01
CA ASN C 33 -22.19 -3.28 -9.69
C ASN C 33 -22.40 -4.64 -9.03
N PHE C 34 -21.66 -4.95 -7.95
CA PHE C 34 -21.93 -6.14 -7.10
C PHE C 34 -22.07 -5.67 -5.67
N LEU C 35 -23.27 -5.22 -5.35
CA LEU C 35 -23.51 -4.51 -4.05
C LEU C 35 -24.15 -5.41 -2.98
N LYS C 36 -25.03 -6.30 -3.39
CA LYS C 36 -25.73 -7.27 -2.56
C LYS C 36 -26.33 -8.34 -3.44
N LEU C 37 -26.53 -9.53 -2.91
CA LEU C 37 -27.13 -10.63 -3.67
C LEU C 37 -28.56 -10.40 -4.02
N LEU C 38 -29.30 -9.52 -3.25
CA LEU C 38 -30.62 -9.16 -3.61
C LEU C 38 -30.70 -8.52 -5.03
N ASP C 39 -29.59 -7.99 -5.53
CA ASP C 39 -29.56 -7.41 -6.87
C ASP C 39 -29.43 -8.42 -8.04
N PHE C 40 -29.33 -9.71 -7.75
CA PHE C 40 -29.03 -10.72 -8.78
C PHE C 40 -30.10 -11.80 -8.85
N SER C 41 -30.33 -12.30 -10.06
CA SER C 41 -31.23 -13.43 -10.21
C SER C 41 -30.49 -14.76 -9.84
N THR C 42 -31.31 -15.77 -9.56
CA THR C 42 -30.84 -17.13 -9.31
C THR C 42 -29.80 -17.53 -10.36
N LYS C 43 -30.17 -17.42 -11.60
CA LYS C 43 -29.25 -17.86 -12.68
C LYS C 43 -28.00 -17.03 -12.75
N GLU C 44 -28.07 -15.74 -12.42
CA GLU C 44 -26.87 -14.91 -12.45
C GLU C 44 -25.88 -15.39 -11.36
N ILE C 45 -26.43 -15.68 -10.18
CA ILE C 45 -25.66 -16.13 -9.06
C ILE C 45 -25.01 -17.48 -9.40
N GLN C 46 -25.78 -18.39 -9.98
CA GLN C 46 -25.25 -19.66 -10.46
C GLN C 46 -24.14 -19.46 -11.52
N PHE C 47 -24.33 -18.49 -12.41
CA PHE C 47 -23.31 -18.19 -13.41
C PHE C 47 -21.97 -17.75 -12.77
N LEU C 48 -22.03 -16.89 -11.76
CA LEU C 48 -20.86 -16.36 -11.10
C LEU C 48 -20.10 -17.50 -10.38
N ILE C 49 -20.88 -18.40 -9.75
CA ILE C 49 -20.30 -19.60 -9.11
C ILE C 49 -19.66 -20.51 -10.13
N ASP C 50 -20.34 -20.77 -11.22
CA ASP C 50 -19.73 -21.61 -12.30
C ASP C 50 -18.49 -20.97 -12.90
N LEU C 51 -18.54 -19.67 -13.15
CA LEU C 51 -17.34 -18.96 -13.60
C LEU C 51 -16.16 -19.10 -12.65
N SER C 52 -16.45 -18.96 -11.34
CA SER C 52 -15.41 -19.05 -10.28
C SER C 52 -14.74 -20.40 -10.40
N ALA C 53 -15.55 -21.44 -10.63
CA ALA C 53 -14.98 -22.81 -10.74
C ALA C 53 -14.09 -22.96 -11.98
N ASP C 54 -14.52 -22.40 -13.08
CA ASP C 54 -13.70 -22.38 -14.28
C ASP C 54 -12.40 -21.63 -14.07
N LEU C 55 -12.46 -20.46 -13.44
CA LEU C 55 -11.24 -19.62 -13.22
C LEU C 55 -10.25 -20.33 -12.26
N LYS C 56 -10.78 -21.02 -11.27
CA LYS C 56 -9.98 -21.77 -10.37
C LYS C 56 -9.25 -22.89 -11.07
N LYS C 57 -9.98 -23.63 -11.87
CA LYS C 57 -9.36 -24.72 -12.65
C LYS C 57 -8.29 -24.20 -13.60
N ALA C 58 -8.58 -23.10 -14.30
CA ALA C 58 -7.63 -22.50 -15.27
C ALA C 58 -6.37 -22.03 -14.55
N LYS C 59 -6.51 -21.40 -13.39
CA LYS C 59 -5.35 -21.00 -12.64
C LYS C 59 -4.48 -22.22 -12.29
N TYR C 60 -5.07 -23.29 -11.77
CA TYR C 60 -4.34 -24.45 -11.34
C TYR C 60 -3.69 -25.18 -12.58
N ALA C 61 -4.37 -25.18 -13.74
CA ALA C 61 -3.83 -25.80 -14.99
C ALA C 61 -2.87 -24.86 -15.72
N GLY C 62 -2.77 -23.58 -15.33
CA GLY C 62 -1.84 -22.63 -15.98
C GLY C 62 -2.37 -22.11 -17.29
N THR C 63 -3.67 -22.16 -17.46
CA THR C 63 -4.32 -21.74 -18.71
C THR C 63 -5.17 -20.53 -18.52
N GLU C 64 -4.96 -19.82 -17.43
CA GLU C 64 -5.77 -18.68 -17.16
C GLU C 64 -5.59 -17.60 -18.23
N GLN C 65 -6.70 -17.13 -18.80
CA GLN C 65 -6.63 -16.01 -19.74
C GLN C 65 -6.92 -14.72 -19.07
N LYS C 66 -6.06 -13.74 -19.26
CA LYS C 66 -6.28 -12.40 -18.65
C LYS C 66 -7.36 -11.59 -19.34
N LYS C 67 -8.43 -11.25 -18.62
CA LYS C 67 -9.52 -10.46 -19.16
C LYS C 67 -9.54 -9.07 -18.63
N LEU C 68 -8.63 -8.74 -17.69
CA LEU C 68 -8.59 -7.39 -17.06
C LEU C 68 -7.30 -6.69 -17.38
N LEU C 69 -6.69 -7.09 -18.49
CA LEU C 69 -5.45 -6.46 -18.93
C LEU C 69 -5.62 -4.99 -19.16
N GLY C 70 -4.81 -4.22 -18.51
CA GLY C 70 -4.86 -2.80 -18.70
C GLY C 70 -5.85 -2.11 -17.78
N LYS C 71 -6.62 -2.86 -17.04
CA LYS C 71 -7.58 -2.22 -16.15
C LYS C 71 -6.91 -1.78 -14.88
N ASN C 72 -7.36 -0.65 -14.33
CA ASN C 72 -6.93 -0.15 -13.04
C ASN C 72 -8.11 -0.12 -12.02
N ILE C 73 -7.89 -0.71 -10.87
CA ILE C 73 -8.87 -0.86 -9.84
C ILE C 73 -8.46 -0.16 -8.57
N ALA C 74 -9.41 0.53 -7.93
CA ALA C 74 -9.18 1.15 -6.67
C ALA C 74 -9.82 0.25 -5.59
N LEU C 75 -9.10 0.02 -4.52
CA LEU C 75 -9.63 -0.76 -3.37
C LEU C 75 -9.73 0.13 -2.15
N ILE C 76 -10.95 0.56 -1.82
CA ILE C 76 -11.20 1.44 -0.68
C ILE C 76 -11.58 0.62 0.54
N PHE C 77 -10.75 0.67 1.57
CA PHE C 77 -11.01 -0.06 2.83
C PHE C 77 -11.14 0.92 3.95
N GLU C 78 -12.37 1.34 4.23
CA GLU C 78 -12.63 2.26 5.35
C GLU C 78 -12.40 1.53 6.65
N LYS C 79 -12.60 0.23 6.66
CA LYS C 79 -12.22 -0.64 7.77
C LYS C 79 -11.30 -1.67 7.13
N ALA C 80 -10.19 -1.98 7.76
CA ALA C 80 -9.23 -2.93 7.20
C ALA C 80 -9.70 -4.35 7.23
N SER C 81 -9.47 -5.09 6.16
CA SER C 81 -9.61 -6.53 6.19
C SER C 81 -8.55 -7.12 5.29
N THR C 82 -7.54 -7.68 5.91
CA THR C 82 -6.46 -8.26 5.14
C THR C 82 -6.96 -9.40 4.29
N ARG C 83 -7.86 -10.21 4.82
CA ARG C 83 -8.35 -11.36 4.02
C ARG C 83 -9.05 -10.91 2.72
N THR C 84 -10.01 -9.99 2.84
CA THR C 84 -10.73 -9.52 1.64
C THR C 84 -9.83 -8.74 0.67
N ARG C 85 -8.94 -7.95 1.22
CA ARG C 85 -8.00 -7.18 0.44
C ARG C 85 -7.11 -8.11 -0.43
N CYS C 86 -6.52 -9.10 0.18
CA CYS C 86 -5.63 -10.08 -0.54
C CYS C 86 -6.38 -10.83 -1.63
N ALA C 87 -7.63 -11.20 -1.37
CA ALA C 87 -8.44 -11.84 -2.36
C ALA C 87 -8.64 -10.95 -3.56
N PHE C 88 -8.99 -9.67 -3.35
CA PHE C 88 -9.15 -8.74 -4.43
C PHE C 88 -7.79 -8.51 -5.18
N GLU C 89 -6.70 -8.34 -4.43
CA GLU C 89 -5.44 -8.03 -5.08
C GLU C 89 -4.95 -9.21 -5.94
N VAL C 90 -4.92 -10.39 -5.38
CA VAL C 90 -4.48 -11.56 -6.10
C VAL C 90 -5.38 -11.85 -7.35
N ALA C 91 -6.70 -11.67 -7.22
CA ALA C 91 -7.58 -11.88 -8.30
C ALA C 91 -7.31 -10.90 -9.42
N ALA C 92 -7.10 -9.65 -9.06
CA ALA C 92 -6.75 -8.59 -10.02
C ALA C 92 -5.41 -8.84 -10.72
N PHE C 93 -4.40 -9.17 -9.95
CA PHE C 93 -3.05 -9.44 -10.51
C PHE C 93 -3.12 -10.55 -11.51
N ASP C 94 -3.76 -11.65 -11.12
CA ASP C 94 -3.87 -12.84 -11.95
C ASP C 94 -4.54 -12.52 -13.32
N GLN C 95 -5.48 -11.60 -13.30
CA GLN C 95 -6.24 -11.18 -14.46
C GLN C 95 -5.70 -9.99 -15.27
N GLY C 96 -4.50 -9.52 -14.93
CA GLY C 96 -3.81 -8.50 -15.65
C GLY C 96 -4.09 -7.07 -15.24
N ALA C 97 -4.85 -6.88 -14.18
CA ALA C 97 -5.14 -5.53 -13.68
C ALA C 97 -4.10 -5.02 -12.72
N GLN C 98 -4.15 -3.69 -12.43
CA GLN C 98 -3.35 -3.15 -11.36
C GLN C 98 -4.26 -2.51 -10.33
N VAL C 99 -3.75 -2.34 -9.11
CA VAL C 99 -4.56 -1.95 -7.98
C VAL C 99 -3.91 -0.85 -7.21
N THR C 100 -4.76 0.01 -6.67
CA THR C 100 -4.37 0.99 -5.73
C THR C 100 -5.17 0.70 -4.40
N TYR C 101 -4.47 0.36 -3.33
CA TYR C 101 -5.08 0.06 -2.05
C TYR C 101 -5.12 1.37 -1.25
N ILE C 102 -6.34 1.77 -0.88
CA ILE C 102 -6.58 2.97 -0.08
C ILE C 102 -7.18 2.54 1.29
N GLY C 103 -6.34 2.52 2.29
CA GLY C 103 -6.67 1.93 3.59
C GLY C 103 -7.33 2.90 4.52
N PRO C 104 -7.57 2.48 5.75
CA PRO C 104 -8.29 3.31 6.68
C PRO C 104 -7.53 4.59 6.91
N SER C 105 -8.21 5.71 7.05
CA SER C 105 -7.43 6.98 7.12
C SER C 105 -7.74 7.91 8.33
N GLY C 106 -8.63 7.51 9.22
CA GLY C 106 -9.00 8.36 10.36
C GLY C 106 -10.07 9.39 10.00
N SER C 107 -10.10 9.78 8.73
CA SER C 107 -11.20 10.55 8.16
C SER C 107 -12.02 9.66 7.20
N GLN C 108 -13.15 9.13 7.69
CA GLN C 108 -14.06 8.31 6.85
C GLN C 108 -14.64 9.16 5.69
N ILE C 109 -14.85 8.54 4.52
CA ILE C 109 -15.43 9.27 3.40
C ILE C 109 -16.69 9.93 3.92
N GLY C 110 -16.87 11.20 3.59
CA GLY C 110 -18.01 11.95 4.07
C GLY C 110 -17.60 12.96 5.13
N ASP C 111 -16.34 12.94 5.54
CA ASP C 111 -15.77 13.95 6.46
C ASP C 111 -15.20 15.23 5.79
N LYS C 112 -14.19 15.10 4.93
CA LYS C 112 -13.63 16.26 4.21
C LYS C 112 -14.32 16.43 2.84
N GLU C 113 -15.00 15.35 2.41
CA GLU C 113 -15.50 15.27 1.05
C GLU C 113 -16.68 14.31 0.98
N SER C 114 -17.73 14.68 0.26
CA SER C 114 -18.90 13.80 0.16
C SER C 114 -18.51 12.52 -0.59
N MET C 115 -19.26 11.46 -0.35
CA MET C 115 -19.14 10.28 -1.18
C MET C 115 -19.50 10.53 -2.63
N LYS C 116 -20.44 11.42 -2.90
CA LYS C 116 -20.76 11.77 -4.29
C LYS C 116 -19.56 12.33 -5.04
N ASP C 117 -18.83 13.22 -4.37
CA ASP C 117 -17.66 13.83 -5.00
C ASP C 117 -16.51 12.80 -5.16
N THR C 118 -16.25 12.03 -4.11
CA THR C 118 -15.25 10.99 -4.11
C THR C 118 -15.50 9.98 -5.21
N ALA C 119 -16.73 9.55 -5.34
CA ALA C 119 -17.12 8.62 -6.39
C ALA C 119 -16.86 9.17 -7.77
N ARG C 120 -17.26 10.41 -7.98
CA ARG C 120 -17.11 10.99 -9.31
C ARG C 120 -15.63 11.17 -9.69
N VAL C 121 -14.77 11.44 -8.73
CA VAL C 121 -13.36 11.59 -9.04
C VAL C 121 -12.77 10.19 -9.33
N LEU C 122 -13.03 9.21 -8.45
CA LEU C 122 -12.43 7.86 -8.61
C LEU C 122 -12.88 7.24 -9.89
N GLY C 123 -14.16 7.49 -10.21
CA GLY C 123 -14.74 6.99 -11.42
C GLY C 123 -14.14 7.53 -12.70
N ARG C 124 -13.54 8.70 -12.63
CA ARG C 124 -12.84 9.26 -13.78
C ARG C 124 -11.51 8.60 -13.96
N MET C 125 -10.91 8.11 -12.89
CA MET C 125 -9.56 7.53 -12.99
C MET C 125 -9.44 6.01 -13.07
N TYR C 126 -10.30 5.31 -12.36
CA TYR C 126 -10.27 3.89 -12.28
C TYR C 126 -11.34 3.21 -13.14
N ASP C 127 -11.14 1.97 -13.43
CA ASP C 127 -12.07 1.21 -14.20
C ASP C 127 -13.05 0.41 -13.36
N GLY C 128 -12.68 0.18 -12.12
CA GLY C 128 -13.49 -0.57 -11.15
C GLY C 128 -13.10 -0.20 -9.75
N ILE C 129 -14.02 -0.29 -8.80
CA ILE C 129 -13.77 0.14 -7.46
C ILE C 129 -14.34 -0.84 -6.47
N GLN C 130 -13.53 -1.33 -5.52
CA GLN C 130 -14.02 -2.07 -4.39
C GLN C 130 -14.20 -1.12 -3.19
N TYR C 131 -15.24 -1.34 -2.41
CA TYR C 131 -15.47 -0.61 -1.18
C TYR C 131 -15.75 -1.55 -0.02
N ARG C 132 -15.03 -1.38 1.07
CA ARG C 132 -15.33 -2.09 2.29
C ARG C 132 -15.47 -1.06 3.36
N GLY C 133 -16.53 -1.15 4.13
CA GLY C 133 -16.87 -0.08 5.01
C GLY C 133 -18.07 -0.29 5.87
N PHE C 134 -18.85 0.78 5.98
CA PHE C 134 -19.88 0.90 6.97
C PHE C 134 -21.24 0.63 6.32
N GLY C 135 -22.16 1.60 6.30
CA GLY C 135 -23.55 1.31 5.90
C GLY C 135 -23.71 0.94 4.47
N GLN C 136 -24.69 0.10 4.17
CA GLN C 136 -25.02 -0.22 2.79
C GLN C 136 -25.31 1.04 2.02
N ALA C 137 -25.91 2.05 2.66
CA ALA C 137 -26.28 3.28 1.94
C ALA C 137 -25.07 3.98 1.33
N ILE C 138 -23.92 3.88 1.97
CA ILE C 138 -22.68 4.44 1.43
C ILE C 138 -22.21 3.76 0.16
N VAL C 139 -22.16 2.44 0.15
CA VAL C 139 -21.73 1.74 -1.05
C VAL C 139 -22.74 1.91 -2.17
N GLU C 140 -24.02 2.05 -1.82
CA GLU C 140 -25.04 2.26 -2.84
C GLU C 140 -24.88 3.63 -3.48
N GLU C 141 -24.48 4.61 -2.70
CA GLU C 141 -24.15 5.91 -3.23
C GLU C 141 -22.92 5.90 -4.15
N LEU C 142 -21.87 5.21 -3.70
CA LEU C 142 -20.69 5.00 -4.52
C LEU C 142 -21.07 4.33 -5.82
N GLY C 143 -21.89 3.30 -5.71
CA GLY C 143 -22.38 2.61 -6.91
C GLY C 143 -23.26 3.46 -7.79
N ALA C 144 -23.98 4.44 -7.24
CA ALA C 144 -24.79 5.34 -8.08
C ALA C 144 -23.97 6.40 -8.82
N PHE C 145 -22.90 6.89 -8.21
CA PHE C 145 -22.16 8.02 -8.70
C PHE C 145 -20.85 7.73 -9.41
N ALA C 146 -20.29 6.54 -9.25
CA ALA C 146 -18.94 6.31 -9.75
C ALA C 146 -18.92 6.22 -11.30
N GLY C 147 -19.95 5.61 -11.89
CA GLY C 147 -20.01 5.39 -13.30
C GLY C 147 -19.16 4.22 -13.82
N VAL C 148 -18.60 3.42 -12.91
CA VAL C 148 -17.87 2.19 -13.24
C VAL C 148 -18.35 1.13 -12.25
N PRO C 149 -18.08 -0.16 -12.53
CA PRO C 149 -18.45 -1.19 -11.54
C PRO C 149 -17.88 -1.02 -10.13
N VAL C 150 -18.80 -1.06 -9.16
CA VAL C 150 -18.50 -0.95 -7.74
C VAL C 150 -18.88 -2.28 -7.09
N TRP C 151 -17.95 -2.80 -6.29
CA TRP C 151 -18.07 -4.08 -5.66
C TRP C 151 -17.97 -4.01 -4.12
N ASN C 152 -18.95 -4.61 -3.46
CA ASN C 152 -19.06 -4.51 -2.02
C ASN C 152 -18.24 -5.61 -1.32
N GLY C 153 -17.13 -5.27 -0.70
CA GLY C 153 -16.30 -6.18 0.03
C GLY C 153 -16.67 -6.41 1.47
N LEU C 154 -17.71 -5.72 1.89
CA LEU C 154 -18.44 -5.85 3.19
C LEU C 154 -19.02 -4.49 3.61
N THR C 155 -20.27 -4.50 4.02
CA THR C 155 -20.94 -3.39 4.71
C THR C 155 -21.61 -3.90 5.99
N ASP C 156 -22.15 -2.99 6.80
CA ASP C 156 -22.91 -3.44 8.00
C ASP C 156 -23.98 -4.51 7.72
N GLU C 157 -24.66 -4.35 6.62
CA GLU C 157 -25.83 -5.18 6.29
C GLU C 157 -25.51 -6.46 5.46
N PHE C 158 -24.50 -6.42 4.57
CA PHE C 158 -24.26 -7.53 3.66
C PHE C 158 -22.79 -7.84 3.34
N HIS C 159 -22.51 -9.12 3.07
CA HIS C 159 -21.17 -9.59 2.75
C HIS C 159 -21.26 -10.52 1.54
N PRO C 160 -21.65 -10.00 0.40
CA PRO C 160 -21.99 -10.91 -0.69
C PRO C 160 -20.83 -11.75 -1.26
N THR C 161 -19.59 -11.24 -1.22
CA THR C 161 -18.47 -12.00 -1.79
C THR C 161 -18.19 -13.23 -0.96
N GLN C 162 -18.32 -13.10 0.35
CA GLN C 162 -18.11 -14.25 1.26
C GLN C 162 -19.07 -15.38 0.92
N ILE C 163 -20.37 -15.04 0.78
CA ILE C 163 -21.37 -16.06 0.42
C ILE C 163 -21.16 -16.74 -0.96
N LEU C 164 -20.71 -16.03 -1.98
CA LEU C 164 -20.34 -16.73 -3.21
C LEU C 164 -19.26 -17.79 -2.95
N ALA C 165 -18.24 -17.43 -2.18
CA ALA C 165 -17.14 -18.35 -1.82
C ALA C 165 -17.66 -19.54 -1.11
N ASP C 166 -18.57 -19.28 -0.18
CA ASP C 166 -19.24 -20.34 0.58
C ASP C 166 -20.04 -21.31 -0.29
N PHE C 167 -20.81 -20.80 -1.22
CA PHE C 167 -21.62 -21.62 -2.09
C PHE C 167 -20.73 -22.45 -3.05
N LEU C 168 -19.65 -21.85 -3.55
CA LEU C 168 -18.72 -22.63 -4.41
C LEU C 168 -18.23 -23.81 -3.61
N THR C 169 -17.85 -23.54 -2.35
CA THR C 169 -17.23 -24.50 -1.45
C THR C 169 -18.19 -25.62 -1.18
N MET C 170 -19.45 -25.26 -0.93
CA MET C 170 -20.46 -26.29 -0.74
C MET C 170 -20.64 -27.24 -1.95
N LEU C 171 -20.68 -26.65 -3.14
CA LEU C 171 -20.78 -27.43 -4.39
C LEU C 171 -19.58 -28.33 -4.56
N GLU C 172 -18.38 -27.85 -4.25
CA GLU C 172 -17.18 -28.70 -4.35
C GLU C 172 -17.17 -29.84 -3.38
N HIS C 173 -17.84 -29.68 -2.24
CA HIS C 173 -17.86 -30.70 -1.23
C HIS C 173 -19.16 -31.48 -1.07
N SER C 174 -20.03 -31.47 -2.05
CA SER C 174 -21.33 -32.08 -1.82
C SER C 174 -21.62 -33.20 -2.86
N GLN C 175 -20.62 -33.58 -3.65
CA GLN C 175 -20.64 -34.83 -4.45
C GLN C 175 -21.80 -34.84 -5.42
N GLY C 176 -21.77 -33.93 -6.38
CA GLY C 176 -22.81 -33.86 -7.39
C GLY C 176 -24.15 -33.24 -7.00
N LYS C 177 -24.42 -33.01 -5.72
CA LYS C 177 -25.67 -32.28 -5.35
C LYS C 177 -25.62 -30.81 -5.78
N ALA C 178 -26.74 -30.31 -6.28
CA ALA C 178 -26.90 -28.93 -6.63
C ALA C 178 -27.29 -28.13 -5.39
N LEU C 179 -27.12 -26.81 -5.45
CA LEU C 179 -27.40 -25.98 -4.31
C LEU C 179 -28.85 -26.20 -3.81
N ALA C 180 -29.76 -26.36 -4.74
CA ALA C 180 -31.19 -26.48 -4.39
C ALA C 180 -31.46 -27.74 -3.56
N ASP C 181 -30.53 -28.70 -3.60
CA ASP C 181 -30.64 -29.96 -2.87
C ASP C 181 -29.89 -29.94 -1.54
N ILE C 182 -29.29 -28.82 -1.18
CA ILE C 182 -28.41 -28.77 0.00
C ILE C 182 -29.18 -28.18 1.21
N GLN C 183 -28.89 -28.74 2.36
CA GLN C 183 -29.43 -28.30 3.63
C GLN C 183 -28.28 -27.87 4.49
N PHE C 184 -28.37 -26.68 5.13
CA PHE C 184 -27.35 -26.24 6.05
C PHE C 184 -27.86 -25.37 7.14
N ALA C 185 -27.09 -25.34 8.23
CA ALA C 185 -27.45 -24.57 9.42
C ALA C 185 -26.32 -23.59 9.67
N TYR C 186 -26.71 -22.37 9.99
CA TYR C 186 -25.84 -21.34 10.50
C TYR C 186 -26.13 -21.19 12.02
N LEU C 187 -25.08 -21.28 12.82
CA LEU C 187 -25.15 -21.26 14.27
C LEU C 187 -24.62 -19.99 14.87
N GLY C 188 -25.43 -19.43 15.78
CA GLY C 188 -25.01 -18.36 16.67
C GLY C 188 -25.65 -17.05 16.39
N ASP C 189 -24.83 -16.07 16.12
CA ASP C 189 -25.32 -14.71 15.86
C ASP C 189 -25.56 -14.52 14.39
N ALA C 190 -26.83 -14.53 13.96
CA ALA C 190 -27.19 -14.33 12.59
C ALA C 190 -27.56 -12.92 12.18
N ARG C 191 -27.52 -12.00 13.14
CA ARG C 191 -28.05 -10.64 12.93
C ARG C 191 -26.94 -9.70 12.52
N ASN C 192 -26.51 -9.87 11.29
CA ASN C 192 -25.26 -9.27 10.81
C ASN C 192 -25.08 -9.62 9.35
N ASN C 193 -24.04 -9.05 8.76
CA ASN C 193 -23.83 -9.19 7.32
C ASN C 193 -23.79 -10.59 6.83
N VAL C 194 -22.99 -11.45 7.46
CA VAL C 194 -22.83 -12.80 6.99
C VAL C 194 -24.16 -13.64 7.10
N GLY C 195 -24.85 -13.50 8.21
CA GLY C 195 -26.17 -14.11 8.37
C GLY C 195 -27.22 -13.67 7.38
N ASN C 196 -27.33 -12.36 7.21
CA ASN C 196 -28.17 -11.73 6.21
C ASN C 196 -27.87 -12.28 4.83
N SER C 197 -26.59 -12.29 4.46
CA SER C 197 -26.23 -12.76 3.14
C SER C 197 -26.43 -14.21 2.90
N LEU C 198 -26.18 -15.03 3.89
CA LEU C 198 -26.45 -16.44 3.81
C LEU C 198 -27.91 -16.76 3.60
N MET C 199 -28.75 -16.02 4.32
CA MET C 199 -30.23 -16.15 4.20
C MET C 199 -30.72 -15.70 2.81
N VAL C 200 -30.26 -14.53 2.34
CA VAL C 200 -30.57 -14.08 0.96
C VAL C 200 -30.13 -15.11 -0.08
N GLY C 201 -28.88 -15.56 0.06
CA GLY C 201 -28.33 -16.50 -0.88
C GLY C 201 -29.09 -17.79 -0.92
N ALA C 202 -29.37 -18.32 0.25
CA ALA C 202 -30.10 -19.56 0.33
C ALA C 202 -31.49 -19.43 -0.36
N ALA C 203 -32.14 -18.32 -0.11
CA ALA C 203 -33.47 -18.08 -0.70
C ALA C 203 -33.42 -18.00 -2.20
N LYS C 204 -32.47 -17.22 -2.72
CA LYS C 204 -32.26 -17.07 -4.15
C LYS C 204 -31.94 -18.42 -4.80
N MET C 205 -31.20 -19.29 -4.11
CA MET C 205 -30.74 -20.52 -4.73
C MET C 205 -31.60 -21.72 -4.44
N GLY C 206 -32.70 -21.48 -3.73
CA GLY C 206 -33.65 -22.55 -3.44
C GLY C 206 -33.19 -23.53 -2.38
N MET C 207 -32.30 -23.10 -1.49
CA MET C 207 -31.68 -24.03 -0.53
C MET C 207 -32.55 -24.12 0.72
N ASP C 208 -32.21 -25.08 1.59
CA ASP C 208 -32.89 -25.25 2.89
C ASP C 208 -31.91 -24.76 3.94
N ILE C 209 -32.15 -23.56 4.48
CA ILE C 209 -31.26 -22.96 5.46
C ILE C 209 -31.99 -22.94 6.84
N ARG C 210 -31.23 -23.28 7.88
CA ARG C 210 -31.72 -23.10 9.27
C ARG C 210 -30.83 -22.09 9.94
N LEU C 211 -31.41 -21.02 10.48
CA LEU C 211 -30.73 -20.08 11.32
C LEU C 211 -30.96 -20.52 12.75
N VAL C 212 -29.87 -20.92 13.42
CA VAL C 212 -29.95 -21.57 14.71
C VAL C 212 -29.24 -20.68 15.74
N GLY C 213 -30.03 -20.06 16.60
CA GLY C 213 -29.48 -19.11 17.54
C GLY C 213 -30.54 -18.48 18.42
N PRO C 214 -30.12 -17.66 19.37
CA PRO C 214 -31.11 -16.98 20.19
C PRO C 214 -31.98 -16.11 19.30
N GLN C 215 -33.27 -16.06 19.59
CA GLN C 215 -34.24 -15.30 18.80
C GLN C 215 -33.87 -13.84 18.61
N ALA C 216 -33.28 -13.21 19.62
CA ALA C 216 -32.84 -11.84 19.52
C ALA C 216 -31.80 -11.56 18.45
N TYR C 217 -31.10 -12.60 18.00
CA TYR C 217 -30.00 -12.53 17.08
C TYR C 217 -30.32 -13.25 15.79
N TRP C 218 -31.61 -13.47 15.55
CA TRP C 218 -32.01 -13.84 14.20
C TRP C 218 -31.84 -12.62 13.34
N PRO C 219 -31.87 -12.82 12.02
CA PRO C 219 -31.82 -11.64 11.13
C PRO C 219 -33.02 -10.76 11.22
N ASP C 220 -32.82 -9.51 10.88
CA ASP C 220 -33.88 -8.53 10.84
C ASP C 220 -35.23 -9.05 10.29
N GLU C 221 -36.33 -8.79 10.99
CA GLU C 221 -37.63 -9.40 10.65
C GLU C 221 -38.10 -9.03 9.26
N GLU C 222 -37.84 -7.80 8.85
CA GLU C 222 -38.26 -7.38 7.50
C GLU C 222 -37.48 -8.12 6.42
N LEU C 223 -36.18 -8.33 6.64
CA LEU C 223 -35.40 -9.07 5.64
C LEU C 223 -35.86 -10.54 5.56
N VAL C 224 -36.14 -11.10 6.72
CA VAL C 224 -36.59 -12.49 6.78
C VAL C 224 -37.86 -12.62 5.93
N ALA C 225 -38.79 -11.68 6.13
CA ALA C 225 -40.06 -11.74 5.39
C ALA C 225 -39.79 -11.66 3.90
N ALA C 226 -38.87 -10.78 3.52
CA ALA C 226 -38.52 -10.64 2.13
C ALA C 226 -37.90 -11.93 1.58
N CYS C 227 -37.02 -12.53 2.37
CA CYS C 227 -36.42 -13.80 1.94
C CYS C 227 -37.39 -14.96 1.87
N GLN C 228 -38.36 -15.01 2.79
CA GLN C 228 -39.45 -16.01 2.73
C GLN C 228 -40.22 -15.90 1.40
N ALA C 229 -40.54 -14.68 1.00
CA ALA C 229 -41.18 -14.44 -0.27
C ALA C 229 -40.34 -14.92 -1.46
N ILE C 230 -39.04 -14.69 -1.42
CA ILE C 230 -38.20 -15.20 -2.48
C ILE C 230 -38.17 -16.73 -2.45
N ALA C 231 -37.97 -17.30 -1.27
CA ALA C 231 -37.88 -18.77 -1.10
C ALA C 231 -39.13 -19.51 -1.57
N LYS C 232 -40.27 -18.87 -1.40
CA LYS C 232 -41.55 -19.46 -1.84
C LYS C 232 -41.51 -19.69 -3.32
N GLN C 233 -40.94 -18.75 -4.05
CA GLN C 233 -40.84 -18.87 -5.50
C GLN C 233 -39.78 -19.83 -5.97
N THR C 234 -38.70 -20.02 -5.22
CA THR C 234 -37.53 -20.80 -5.69
C THR C 234 -37.50 -22.23 -5.18
N GLY C 235 -38.40 -22.59 -4.27
CA GLY C 235 -38.42 -23.92 -3.65
C GLY C 235 -37.49 -24.03 -2.43
N GLY C 236 -37.02 -22.89 -1.93
CA GLY C 236 -36.14 -22.88 -0.76
C GLY C 236 -36.93 -22.98 0.53
N LYS C 237 -36.23 -23.14 1.63
CA LYS C 237 -36.87 -23.12 2.94
C LYS C 237 -35.96 -22.37 3.93
N ILE C 238 -36.57 -21.54 4.75
CA ILE C 238 -35.88 -20.79 5.80
C ILE C 238 -36.53 -21.12 7.14
N THR C 239 -35.78 -21.69 8.04
CA THR C 239 -36.26 -22.02 9.37
C THR C 239 -35.44 -21.24 10.38
N LEU C 240 -36.12 -20.55 11.30
CA LEU C 240 -35.42 -19.91 12.38
C LEU C 240 -35.77 -20.63 13.66
N THR C 241 -34.76 -21.04 14.41
CA THR C 241 -34.99 -21.82 15.63
C THR C 241 -33.94 -21.57 16.71
N GLU C 242 -34.37 -21.63 17.99
CA GLU C 242 -33.46 -21.66 19.11
C GLU C 242 -32.95 -23.08 19.41
N ASN C 243 -33.54 -24.09 18.78
CA ASN C 243 -33.30 -25.50 19.14
C ASN C 243 -32.21 -26.05 18.22
N VAL C 244 -31.07 -26.38 18.80
CA VAL C 244 -29.91 -26.82 18.02
C VAL C 244 -30.16 -28.21 17.34
N ALA C 245 -30.67 -29.16 18.09
CA ALA C 245 -30.90 -30.51 17.59
C ALA C 245 -31.85 -30.51 16.38
N GLU C 246 -32.92 -29.77 16.50
CA GLU C 246 -33.89 -29.68 15.43
C GLU C 246 -33.31 -28.89 14.26
N GLY C 247 -32.59 -27.84 14.54
CA GLY C 247 -31.97 -27.03 13.49
C GLY C 247 -30.95 -27.76 12.63
N VAL C 248 -30.14 -28.62 13.25
CA VAL C 248 -29.00 -29.26 12.52
C VAL C 248 -29.31 -30.61 11.93
N GLN C 249 -30.48 -31.17 12.26
CA GLN C 249 -30.86 -32.51 11.84
C GLN C 249 -30.87 -32.63 10.31
N GLY C 250 -30.13 -33.59 9.74
CA GLY C 250 -30.06 -33.77 8.27
C GLY C 250 -29.14 -32.80 7.49
N CYS C 251 -28.41 -31.91 8.18
CA CYS C 251 -27.58 -30.95 7.45
C CYS C 251 -26.36 -31.54 6.78
N ASP C 252 -26.06 -31.01 5.61
CA ASP C 252 -24.87 -31.29 4.88
C ASP C 252 -23.72 -30.43 5.39
N PHE C 253 -24.04 -29.18 5.84
CA PHE C 253 -23.02 -28.22 6.27
C PHE C 253 -23.45 -27.55 7.56
N LEU C 254 -22.50 -27.31 8.42
CA LEU C 254 -22.75 -26.43 9.62
C LEU C 254 -21.80 -25.26 9.53
N TYR C 255 -22.30 -24.06 9.76
CA TYR C 255 -21.60 -22.84 9.53
C TYR C 255 -21.70 -22.02 10.79
N THR C 256 -20.57 -21.48 11.24
CA THR C 256 -20.61 -20.47 12.31
C THR C 256 -19.64 -19.31 12.09
N ASP C 257 -19.62 -18.36 13.02
CA ASP C 257 -18.79 -17.18 13.04
C ASP C 257 -18.65 -16.72 14.49
N VAL C 258 -17.68 -15.86 14.72
CA VAL C 258 -17.31 -15.48 16.08
C VAL C 258 -18.49 -14.77 16.72
N TRP C 259 -18.62 -14.86 18.03
CA TRP C 259 -19.74 -14.20 18.70
C TRP C 259 -19.47 -12.79 19.18
N VAL C 260 -18.18 -12.47 19.33
CA VAL C 260 -17.72 -11.33 20.15
C VAL C 260 -16.97 -10.22 19.37
N GLU C 267 -13.71 -8.07 29.17
CA GLU C 267 -14.70 -7.99 30.26
C GLU C 267 -16.16 -7.87 29.70
N ALA C 268 -16.33 -7.12 28.60
CA ALA C 268 -17.64 -6.75 28.00
C ALA C 268 -18.46 -7.87 27.35
N TRP C 269 -17.84 -9.03 27.15
CA TRP C 269 -18.35 -10.06 26.25
C TRP C 269 -18.96 -11.21 27.01
N ASP C 270 -18.89 -11.13 28.34
CA ASP C 270 -19.35 -12.27 29.16
C ASP C 270 -20.76 -12.67 28.87
N GLU C 271 -21.60 -11.68 28.72
CA GLU C 271 -23.05 -11.93 28.52
C GLU C 271 -23.30 -12.52 27.17
N ARG C 272 -22.59 -12.03 26.16
CA ARG C 272 -22.76 -12.60 24.87
C ARG C 272 -22.24 -14.05 24.80
N VAL C 273 -21.15 -14.34 25.48
CA VAL C 273 -20.64 -15.74 25.48
C VAL C 273 -21.64 -16.71 26.17
N ALA C 274 -22.20 -16.32 27.29
CA ALA C 274 -23.11 -17.21 27.97
C ALA C 274 -24.34 -17.45 27.06
N LEU C 275 -24.84 -16.36 26.47
CA LEU C 275 -26.05 -16.41 25.58
C LEU C 275 -25.78 -17.33 24.37
N MET C 276 -24.57 -17.26 23.87
CA MET C 276 -24.21 -18.02 22.61
C MET C 276 -23.64 -19.41 22.81
N LYS C 277 -23.15 -19.68 24.01
CA LYS C 277 -22.49 -20.95 24.30
C LYS C 277 -23.26 -22.20 23.90
N PRO C 278 -24.61 -22.21 24.05
CA PRO C 278 -25.35 -23.39 23.58
C PRO C 278 -25.19 -23.71 22.05
N TYR C 279 -24.73 -22.72 21.30
CA TYR C 279 -24.67 -22.80 19.87
C TYR C 279 -23.23 -23.06 19.35
N GLN C 280 -22.29 -23.38 20.27
CA GLN C 280 -20.96 -23.82 19.93
C GLN C 280 -21.02 -25.04 19.04
N VAL C 281 -20.23 -25.04 17.97
CA VAL C 281 -20.12 -26.19 17.12
C VAL C 281 -19.04 -27.10 17.67
N ASN C 282 -19.46 -28.20 18.27
CA ASN C 282 -18.57 -29.20 18.83
C ASN C 282 -18.92 -30.56 18.20
N MET C 283 -18.18 -31.60 18.55
CA MET C 283 -18.37 -32.87 17.89
C MET C 283 -19.79 -33.39 18.16
N ASN C 284 -20.34 -33.00 19.29
CA ASN C 284 -21.70 -33.42 19.62
C ASN C 284 -22.74 -32.87 18.66
N VAL C 285 -22.55 -31.62 18.25
CA VAL C 285 -23.45 -31.01 17.28
C VAL C 285 -23.31 -31.71 15.93
N LEU C 286 -22.06 -32.01 15.54
CA LEU C 286 -21.86 -32.78 14.33
C LEU C 286 -22.64 -34.10 14.40
N LYS C 287 -22.53 -34.80 15.51
CA LYS C 287 -23.29 -36.09 15.69
C LYS C 287 -24.81 -35.90 15.57
N GLN C 288 -25.30 -34.79 16.07
CA GLN C 288 -26.74 -34.50 15.99
C GLN C 288 -27.28 -34.30 14.58
N THR C 289 -26.42 -34.08 13.60
CA THR C 289 -26.91 -34.03 12.26
C THR C 289 -27.41 -35.38 11.78
N GLY C 290 -26.85 -36.44 12.36
CA GLY C 290 -27.07 -37.81 11.89
C GLY C 290 -26.37 -38.08 10.57
N ASN C 291 -25.52 -37.16 10.10
CA ASN C 291 -24.90 -37.26 8.78
C ASN C 291 -23.40 -37.49 8.87
N PRO C 292 -22.96 -38.73 8.59
CA PRO C 292 -21.51 -39.03 8.58
C PRO C 292 -20.64 -38.12 7.75
N ASN C 293 -21.20 -37.55 6.70
CA ASN C 293 -20.48 -36.71 5.74
CA ASN C 293 -20.40 -36.70 5.86
C ASN C 293 -20.59 -35.18 6.08
N VAL C 294 -21.19 -34.80 7.20
CA VAL C 294 -21.39 -33.36 7.50
C VAL C 294 -20.04 -32.63 7.39
N LYS C 295 -20.04 -31.41 6.86
CA LYS C 295 -18.85 -30.59 6.83
C LYS C 295 -19.00 -29.29 7.55
N PHE C 296 -17.90 -28.76 8.03
CA PHE C 296 -17.93 -27.52 8.89
C PHE C 296 -17.29 -26.36 8.16
N MET C 297 -17.98 -25.24 8.16
CA MET C 297 -17.56 -24.02 7.53
C MET C 297 -17.53 -22.86 8.54
N HIS C 298 -16.68 -21.90 8.23
CA HIS C 298 -16.51 -20.69 9.11
C HIS C 298 -15.89 -19.63 8.24
N CYS C 299 -16.43 -18.41 8.27
CA CYS C 299 -15.90 -17.35 7.44
C CYS C 299 -14.51 -16.86 7.84
N LEU C 300 -14.09 -17.10 9.07
CA LEU C 300 -12.79 -16.69 9.66
C LEU C 300 -12.74 -15.16 9.90
N PRO C 301 -11.90 -14.67 10.84
CA PRO C 301 -11.11 -15.54 11.71
C PRO C 301 -11.94 -16.25 12.78
N ALA C 302 -11.39 -17.32 13.36
CA ALA C 302 -12.11 -18.17 14.33
C ALA C 302 -11.40 -18.25 15.66
N PHE C 303 -12.17 -18.29 16.73
CA PHE C 303 -11.60 -18.53 18.05
C PHE C 303 -11.83 -19.99 18.40
N HIS C 304 -10.87 -20.85 18.03
CA HIS C 304 -10.99 -22.28 18.23
C HIS C 304 -10.05 -22.91 19.25
N ASN C 305 -9.18 -22.09 19.83
CA ASN C 305 -8.24 -22.57 20.80
C ASN C 305 -7.65 -21.36 21.58
N ASP C 306 -6.49 -21.52 22.22
CA ASP C 306 -5.86 -20.41 22.97
C ASP C 306 -4.66 -19.73 22.30
N GLU C 307 -4.56 -19.88 21.01
CA GLU C 307 -3.46 -19.35 20.21
C GLU C 307 -3.71 -17.94 19.71
N THR C 308 -4.71 -17.29 20.33
CA THR C 308 -4.93 -15.87 20.21
C THR C 308 -5.13 -15.25 21.59
N THR C 309 -4.76 -13.99 21.71
CA THR C 309 -4.87 -13.28 23.00
C THR C 309 -6.33 -13.14 23.42
N ILE C 310 -7.16 -12.66 22.51
CA ILE C 310 -8.57 -12.45 22.85
C ILE C 310 -9.30 -13.79 23.11
N GLY C 311 -9.06 -14.75 22.22
CA GLY C 311 -9.67 -16.08 22.32
C GLY C 311 -9.35 -16.80 23.63
N LYS C 312 -8.08 -16.79 24.02
CA LYS C 312 -7.70 -17.45 25.27
C LYS C 312 -8.31 -16.75 26.47
N GLN C 313 -8.17 -15.43 26.48
CA GLN C 313 -8.74 -14.60 27.59
C GLN C 313 -10.17 -15.00 27.90
N VAL C 314 -10.97 -14.99 26.85
CA VAL C 314 -12.44 -15.08 27.01
C VAL C 314 -12.91 -16.51 27.31
N ALA C 315 -12.33 -17.46 26.59
CA ALA C 315 -12.50 -18.87 26.90
C ALA C 315 -12.13 -19.17 28.38
N ASP C 316 -11.01 -18.62 28.84
CA ASP C 316 -10.53 -18.86 30.22
C ASP C 316 -11.54 -18.33 31.20
N LYS C 317 -12.09 -17.15 30.88
CA LYS C 317 -13.09 -16.58 31.72
C LYS C 317 -14.31 -17.44 31.92
N PHE C 318 -14.51 -18.44 31.08
CA PHE C 318 -15.69 -19.37 31.19
C PHE C 318 -15.31 -20.83 31.33
N GLY C 319 -14.03 -21.11 31.57
CA GLY C 319 -13.52 -22.51 31.50
C GLY C 319 -13.67 -23.25 30.15
N MET C 320 -13.59 -22.53 29.04
CA MET C 320 -13.83 -23.18 27.76
C MET C 320 -12.47 -23.30 27.14
N LYS C 321 -12.35 -24.22 26.17
CA LYS C 321 -11.25 -24.24 25.21
C LYS C 321 -11.84 -24.06 23.79
N GLY C 322 -11.71 -22.86 23.27
CA GLY C 322 -12.36 -22.51 22.01
C GLY C 322 -13.75 -22.01 22.26
N LEU C 323 -14.22 -21.12 21.39
CA LEU C 323 -15.50 -20.48 21.60
C LEU C 323 -16.61 -20.99 20.69
N GLU C 324 -16.78 -20.37 19.52
CA GLU C 324 -17.86 -20.72 18.60
C GLU C 324 -17.66 -22.12 17.98
N VAL C 325 -16.43 -22.59 17.96
CA VAL C 325 -16.14 -23.90 17.47
C VAL C 325 -14.92 -24.48 18.27
N THR C 326 -14.83 -25.81 18.39
CA THR C 326 -13.78 -26.42 19.20
C THR C 326 -12.60 -26.74 18.28
N GLU C 327 -11.41 -26.82 18.86
CA GLU C 327 -10.23 -27.25 18.12
C GLU C 327 -10.49 -28.58 17.43
N GLU C 328 -11.06 -29.54 18.15
CA GLU C 328 -11.36 -30.84 17.55
C GLU C 328 -12.15 -30.80 16.22
N VAL C 329 -13.21 -29.99 16.18
CA VAL C 329 -13.97 -29.79 14.95
C VAL C 329 -13.16 -29.00 13.90
N PHE C 330 -12.56 -27.89 14.29
CA PHE C 330 -11.91 -26.98 13.37
C PHE C 330 -10.80 -27.68 12.59
N GLU C 331 -10.04 -28.51 13.29
CA GLU C 331 -8.87 -29.26 12.67
C GLU C 331 -9.24 -30.66 12.16
N SER C 332 -10.48 -31.08 12.32
CA SER C 332 -10.92 -32.39 11.83
C SER C 332 -11.00 -32.47 10.33
N GLU C 333 -11.15 -33.71 9.89
CA GLU C 333 -11.44 -34.01 8.50
CA GLU C 333 -11.44 -34.06 8.55
C GLU C 333 -12.77 -33.45 8.06
N HIS C 334 -13.67 -33.12 8.98
CA HIS C 334 -14.94 -32.48 8.59
C HIS C 334 -14.83 -30.98 8.22
N SER C 335 -13.71 -30.38 8.56
CA SER C 335 -13.54 -28.93 8.41
C SER C 335 -13.03 -28.61 7.00
N ILE C 336 -13.70 -27.65 6.34
CA ILE C 336 -13.35 -27.17 5.03
C ILE C 336 -13.03 -25.69 4.98
N VAL C 337 -12.77 -25.12 6.17
CA VAL C 337 -12.57 -23.71 6.26
C VAL C 337 -11.47 -23.14 5.39
N PHE C 338 -10.41 -23.87 5.16
CA PHE C 338 -9.34 -23.35 4.34
C PHE C 338 -9.61 -23.43 2.82
N ASP C 339 -10.39 -24.42 2.40
CA ASP C 339 -10.87 -24.42 1.02
C ASP C 339 -11.81 -23.20 0.82
N GLU C 340 -12.65 -22.96 1.83
CA GLU C 340 -13.54 -21.87 1.79
C GLU C 340 -12.79 -20.52 1.72
N ALA C 341 -11.74 -20.36 2.54
CA ALA C 341 -10.93 -19.17 2.49
C ALA C 341 -10.22 -18.91 1.13
N GLU C 342 -9.70 -19.98 0.57
CA GLU C 342 -9.12 -19.90 -0.75
C GLU C 342 -10.14 -19.44 -1.82
N ASN C 343 -11.37 -19.93 -1.69
CA ASN C 343 -12.41 -19.65 -2.65
C ASN C 343 -12.92 -18.20 -2.60
N ARG C 344 -12.55 -17.45 -1.57
CA ARG C 344 -12.72 -16.02 -1.59
C ARG C 344 -12.11 -15.40 -2.84
N MET C 345 -10.88 -15.80 -3.18
CA MET C 345 -10.20 -15.21 -4.31
C MET C 345 -10.88 -15.57 -5.65
N HIS C 346 -11.24 -16.86 -5.84
CA HIS C 346 -11.79 -17.32 -7.09
C HIS C 346 -13.12 -16.72 -7.40
N THR C 347 -13.95 -16.47 -6.37
CA THR C 347 -15.24 -15.88 -6.56
C THR C 347 -15.21 -14.33 -6.73
N ILE C 348 -14.29 -13.63 -6.05
CA ILE C 348 -14.03 -12.20 -6.30
C ILE C 348 -13.52 -12.07 -7.74
N LYS C 349 -12.67 -12.96 -8.18
CA LYS C 349 -12.18 -12.93 -9.55
C LYS C 349 -13.33 -13.04 -10.54
N ALA C 350 -14.29 -13.93 -10.26
CA ALA C 350 -15.43 -14.07 -11.13
C ALA C 350 -16.30 -12.80 -11.16
N VAL C 351 -16.51 -12.18 -10.03
CA VAL C 351 -17.28 -10.88 -10.00
C VAL C 351 -16.61 -9.85 -10.89
N MET C 352 -15.31 -9.64 -10.73
CA MET C 352 -14.57 -8.67 -11.48
C MET C 352 -14.54 -9.00 -12.99
N VAL C 353 -14.29 -10.27 -13.31
CA VAL C 353 -14.33 -10.71 -14.70
C VAL C 353 -15.67 -10.55 -15.37
N ALA C 354 -16.74 -10.93 -14.70
CA ALA C 354 -18.05 -10.83 -15.27
C ALA C 354 -18.47 -9.38 -15.47
N THR C 355 -18.15 -8.48 -14.52
CA THR C 355 -18.60 -7.11 -14.62
C THR C 355 -17.70 -6.17 -15.40
N LEU C 356 -16.40 -6.43 -15.40
CA LEU C 356 -15.47 -5.53 -16.02
C LEU C 356 -14.65 -6.20 -17.12
N GLY C 357 -14.68 -7.51 -17.17
CA GLY C 357 -13.82 -8.29 -18.07
C GLY C 357 -14.18 -8.07 -19.50
N SER C 358 -13.16 -8.17 -20.34
CA SER C 358 -13.41 -8.05 -21.78
C SER C 358 -12.25 -8.63 -22.57
CL CL D . -4.20 17.52 -4.26
CL CL E . 4.38 25.84 -9.16
CL CL F . 21.09 -14.81 9.77
CL CL G . -13.60 -10.84 5.63
CL CL H . -25.73 -10.14 0.06
C1 PEG I . -19.15 -37.73 12.70
O1 PEG I . -18.51 -37.50 13.95
C2 PEG I . -20.51 -37.06 12.71
O2 PEG I . -21.54 -37.78 12.01
C3 PEG I . -22.08 -38.87 12.77
C4 PEG I . -23.43 -39.37 12.27
#